data_4AU9
#
_entry.id   4AU9
#
_cell.length_a   66.599
_cell.length_b   46.689
_cell.length_c   141.198
_cell.angle_alpha   90.00
_cell.angle_beta   91.35
_cell.angle_gamma   90.00
#
_symmetry.space_group_name_H-M   'P 1 21 1'
#
loop_
_entity.id
_entity.type
_entity.pdbx_description
1 polymer 'DYP-TYPE PEROXIDASE I'
2 branched beta-D-mannopyranose-(1-4)-2-acetamido-2-deoxy-beta-D-glucopyranose-(1-4)-2-acetamido-2-deoxy-beta-D-glucopyranose
3 branched 2-acetamido-2-deoxy-beta-D-glucopyranose-(1-4)-2-acetamido-2-deoxy-beta-D-glucopyranose
4 non-polymer 'PROTOPORPHYRIN IX CONTAINING FE'
5 non-polymer 2-acetamido-2-deoxy-beta-D-glucopyranose
6 non-polymer GLYCEROL
7 non-polymer 'ACETATE ION'
8 non-polymer TRIS(HYDROXYETHYL)AMINOMETHANE
9 water water
#
_entity_poly.entity_id   1
_entity_poly.type   'polypeptide(L)'
_entity_poly.pdbx_seq_one_letter_code
;ATSLNTDDIQGDILVGMHKQKQLFYFFAINDPATFKTFLASDIAPVVASVTQLSNVATQPLVALNIAFSNTGLLALGVTD
NLGDSLFANGQAKDATSFKESTSSWVPQFAGTGIHGVIILASDTTDLIDQQVASIESTFGSSISKLYSLSASIRPGNEAG
HEMFGFLDGIAQPAINGFNTPLPGQNIVDAGVIITGATNDPITRPSWAVGGSFLAFRQLEQLVPEFNKYLLDNAPAGSGS
LQARADLLGARMVGRWKSGAPIDLTPTADDPALGADAQRNNNFTYSHAGFDLGSDQSHCPFSAHIRKTRPRADLGGSLTP
PNLSAGANSIMRSGIPYGPEVTSAESASNTTTQERGLAFVAYQAQLSQGFHFLQQTWADNANFPPGKTPATVGLDPIIGQ
NNGQPRVVNGLLPSNSSASLSIPQFVVSHGGEYFFSPPISAIGGRLSA
;
_entity_poly.pdbx_strand_id   A,B
#
loop_
_chem_comp.id
_chem_comp.type
_chem_comp.name
_chem_comp.formula
ACT non-polymer 'ACETATE ION' 'C2 H3 O2 -1'
BMA D-saccharide, beta linking beta-D-mannopyranose 'C6 H12 O6'
GOL non-polymer GLYCEROL 'C3 H8 O3'
HEM non-polymer 'PROTOPORPHYRIN IX CONTAINING FE' 'C34 H32 Fe N4 O4'
NAG D-saccharide, beta linking 2-acetamido-2-deoxy-beta-D-glucopyranose 'C8 H15 N O6'
TAM non-polymer TRIS(HYDROXYETHYL)AMINOMETHANE 'C7 H17 N O3'
#
# COMPACT_ATOMS: atom_id res chain seq x y z
N ALA A 1 -1.27 11.64 -45.48
CA ALA A 1 -1.94 12.79 -44.83
C ALA A 1 -2.59 12.42 -43.49
N THR A 2 -3.39 11.35 -43.51
CA THR A 2 -4.53 11.21 -42.59
C THR A 2 -4.17 10.85 -41.14
N SER A 3 -4.92 11.43 -40.21
CA SER A 3 -4.44 11.71 -38.87
C SER A 3 -4.77 10.59 -37.89
N LEU A 4 -4.46 10.80 -36.62
CA LEU A 4 -4.42 9.72 -35.63
C LEU A 4 -5.82 9.37 -35.11
N ASN A 5 -6.14 8.08 -35.12
CA ASN A 5 -7.34 7.58 -34.43
C ASN A 5 -7.13 7.51 -32.92
N THR A 6 -7.54 8.55 -32.21
CA THR A 6 -7.22 8.62 -30.78
C THR A 6 -8.15 7.76 -29.94
N ASP A 7 -9.25 7.30 -30.54
CA ASP A 7 -10.11 6.31 -29.91
C ASP A 7 -9.43 4.95 -29.80
N ASP A 8 -8.41 4.75 -30.61
CA ASP A 8 -7.72 3.48 -30.63
C ASP A 8 -6.31 3.53 -30.02
N ILE A 9 -5.91 4.68 -29.52
CA ILE A 9 -4.59 4.70 -28.91
C ILE A 9 -4.70 4.73 -27.37
N GLN A 10 -3.90 3.89 -26.71
CA GLN A 10 -3.86 3.93 -25.23
C GLN A 10 -3.40 5.29 -24.66
N GLY A 11 -4.16 5.82 -23.69
CA GLY A 11 -3.97 7.18 -23.20
C GLY A 11 -2.59 7.57 -22.64
N ASP A 12 -1.96 6.69 -21.86
CA ASP A 12 -0.65 7.03 -21.26
C ASP A 12 0.33 7.55 -22.32
N ILE A 13 0.28 6.94 -23.51
CA ILE A 13 1.22 7.25 -24.57
C ILE A 13 1.28 8.71 -24.98
N LEU A 14 0.11 9.32 -25.19
CA LEU A 14 0.04 10.68 -25.73
C LEU A 14 -0.40 11.72 -24.72
N VAL A 15 -1.18 11.33 -23.71
CA VAL A 15 -1.61 12.34 -22.73
C VAL A 15 -1.21 12.04 -21.30
N GLY A 16 -0.95 10.79 -20.98
CA GLY A 16 -0.65 10.42 -19.60
C GLY A 16 -1.91 10.18 -18.77
N MET A 17 -1.75 9.37 -17.73
CA MET A 17 -2.88 8.84 -16.95
C MET A 17 -3.72 9.95 -16.29
N HIS A 18 -3.10 11.06 -15.92
CA HIS A 18 -3.88 12.12 -15.27
C HIS A 18 -4.37 11.77 -13.85
N LYS A 19 -3.59 10.99 -13.10
CA LYS A 19 -4.01 10.51 -11.77
C LYS A 19 -2.90 10.66 -10.75
N GLN A 20 -3.27 10.81 -9.49
CA GLN A 20 -2.33 11.03 -8.41
C GLN A 20 -1.46 9.79 -8.17
N LYS A 21 -2.04 8.61 -8.37
CA LYS A 21 -1.33 7.37 -8.07
C LYS A 21 -1.29 6.40 -9.24
N GLN A 22 -0.22 5.66 -9.36
CA GLN A 22 -0.13 4.64 -10.38
C GLN A 22 0.45 3.38 -9.80
N LEU A 23 -0.02 2.25 -10.32
CA LEU A 23 0.61 0.98 -10.05
C LEU A 23 1.06 0.32 -11.33
N PHE A 24 2.31 -0.12 -11.35
CA PHE A 24 2.83 -0.96 -12.40
C PHE A 24 2.79 -2.39 -11.92
N TYR A 25 2.04 -3.21 -12.65
CA TYR A 25 1.78 -4.57 -12.21
C TYR A 25 2.30 -5.50 -13.28
N PHE A 26 3.43 -6.12 -12.97
CA PHE A 26 4.15 -6.95 -13.90
C PHE A 26 3.73 -8.41 -13.74
N PHE A 27 3.34 -9.07 -14.84
CA PHE A 27 2.72 -10.40 -14.76
C PHE A 27 3.33 -11.44 -15.69
N ALA A 28 3.07 -12.70 -15.37
CA ALA A 28 3.33 -13.81 -16.30
C ALA A 28 1.98 -14.39 -16.72
N ILE A 29 1.91 -14.96 -17.92
CA ILE A 29 0.69 -15.63 -18.40
C ILE A 29 0.80 -17.14 -18.20
N ASN A 30 -0.11 -17.70 -17.41
CA ASN A 30 -0.02 -19.11 -17.04
C ASN A 30 -0.77 -20.03 -18.02
N ASP A 31 -2.03 -19.69 -18.32
CA ASP A 31 -2.79 -20.35 -19.39
C ASP A 31 -3.33 -19.36 -20.45
N PRO A 32 -2.73 -19.40 -21.64
CA PRO A 32 -3.05 -18.47 -22.73
C PRO A 32 -4.53 -18.46 -23.06
N ALA A 33 -5.12 -19.64 -23.24
CA ALA A 33 -6.55 -19.74 -23.58
C ALA A 33 -7.54 -18.98 -22.68
N THR A 34 -7.55 -19.34 -21.40
CA THR A 34 -8.24 -18.55 -20.40
C THR A 34 -7.86 -17.08 -20.46
N PHE A 35 -6.55 -16.83 -20.40
CA PHE A 35 -6.09 -15.44 -20.34
C PHE A 35 -6.68 -14.62 -21.49
N LYS A 36 -6.61 -15.14 -22.72
CA LYS A 36 -7.20 -14.40 -23.84
C LYS A 36 -8.68 -14.12 -23.61
N THR A 37 -9.36 -15.07 -22.98
CA THR A 37 -10.81 -14.97 -22.81
C THR A 37 -11.18 -13.73 -21.99
N PHE A 38 -10.48 -13.53 -20.87
CA PHE A 38 -10.70 -12.34 -20.08
C PHE A 38 -10.00 -11.11 -20.63
N LEU A 39 -8.81 -11.28 -21.23
CA LEU A 39 -8.21 -10.17 -21.98
C LEU A 39 -9.28 -9.48 -22.83
N ALA A 40 -10.06 -10.28 -23.56
CA ALA A 40 -11.07 -9.75 -24.46
C ALA A 40 -12.36 -9.32 -23.75
N SER A 41 -12.79 -10.13 -22.79
CA SER A 41 -14.04 -9.84 -22.09
C SER A 41 -13.89 -8.75 -21.04
N ASP A 42 -12.78 -8.75 -20.33
CA ASP A 42 -12.67 -7.89 -19.14
C ASP A 42 -11.64 -6.73 -19.20
N ILE A 43 -10.48 -6.96 -19.81
CA ILE A 43 -9.54 -5.85 -20.08
C ILE A 43 -9.99 -4.89 -21.21
N ALA A 44 -10.23 -5.43 -22.40
CA ALA A 44 -10.28 -4.61 -23.61
C ALA A 44 -11.26 -3.44 -23.52
N PRO A 45 -12.47 -3.71 -23.02
CA PRO A 45 -13.44 -2.61 -23.06
C PRO A 45 -13.22 -1.57 -21.98
N VAL A 46 -12.36 -1.86 -20.99
CA VAL A 46 -12.05 -0.82 -20.00
C VAL A 46 -10.70 -0.11 -20.18
N VAL A 47 -9.97 -0.46 -21.25
CA VAL A 47 -8.68 0.18 -21.54
C VAL A 47 -8.92 1.61 -22.01
N ALA A 48 -8.16 2.55 -21.45
CA ALA A 48 -8.47 3.97 -21.54
C ALA A 48 -7.74 4.55 -22.73
N SER A 49 -8.45 5.33 -23.55
CA SER A 49 -7.92 5.81 -24.82
C SER A 49 -7.46 7.24 -24.62
N VAL A 50 -6.70 7.76 -25.59
CA VAL A 50 -6.40 9.19 -25.58
C VAL A 50 -7.66 10.05 -25.61
N THR A 51 -8.67 9.65 -26.38
CA THR A 51 -9.89 10.45 -26.49
C THR A 51 -10.56 10.53 -25.10
N GLN A 52 -10.74 9.37 -24.48
CA GLN A 52 -11.24 9.26 -23.13
C GLN A 52 -10.50 10.18 -22.17
N LEU A 53 -9.18 10.04 -22.12
CA LEU A 53 -8.39 10.69 -21.10
C LEU A 53 -8.23 12.20 -21.23
N SER A 54 -8.46 12.76 -22.42
CA SER A 54 -8.29 14.20 -22.60
C SER A 54 -9.63 14.95 -22.56
N ASN A 55 -10.67 14.25 -22.12
CA ASN A 55 -11.96 14.87 -21.78
C ASN A 55 -12.13 14.88 -20.27
N VAL A 56 -12.07 16.08 -19.68
CA VAL A 56 -12.28 16.24 -18.25
C VAL A 56 -13.46 15.38 -17.76
N ALA A 57 -14.55 15.38 -18.52
CA ALA A 57 -15.80 14.74 -18.08
C ALA A 57 -15.84 13.23 -18.30
N THR A 58 -14.77 12.66 -18.83
CA THR A 58 -14.80 11.28 -19.34
C THR A 58 -13.69 10.42 -18.72
N GLN A 59 -12.98 10.98 -17.74
CA GLN A 59 -11.96 10.22 -17.05
C GLN A 59 -12.58 9.09 -16.25
N PRO A 60 -12.06 7.85 -16.40
CA PRO A 60 -12.57 6.73 -15.61
C PRO A 60 -12.19 6.94 -14.15
N LEU A 61 -12.84 6.23 -13.24
CA LEU A 61 -12.44 6.22 -11.84
C LEU A 61 -11.04 5.59 -11.70
N VAL A 62 -10.85 4.45 -12.35
CA VAL A 62 -9.52 3.88 -12.48
C VAL A 62 -9.12 3.77 -13.96
N ALA A 63 -7.99 4.40 -14.31
CA ALA A 63 -7.42 4.31 -15.65
C ALA A 63 -6.52 3.07 -15.82
N LEU A 64 -6.81 2.28 -16.85
CA LEU A 64 -6.01 1.09 -17.10
C LEU A 64 -5.38 1.15 -18.49
N ASN A 65 -4.07 0.91 -18.56
CA ASN A 65 -3.39 0.56 -19.84
C ASN A 65 -2.70 -0.80 -19.70
N ILE A 66 -2.26 -1.36 -20.81
CA ILE A 66 -1.64 -2.68 -20.76
C ILE A 66 -0.65 -2.76 -21.89
N ALA A 67 0.49 -3.39 -21.63
CA ALA A 67 1.57 -3.53 -22.61
C ALA A 67 2.23 -4.89 -22.38
N PHE A 68 2.82 -5.45 -23.44
CA PHE A 68 3.33 -6.85 -23.42
C PHE A 68 4.80 -6.86 -23.78
N SER A 69 5.55 -7.75 -23.13
CA SER A 69 6.93 -8.00 -23.52
C SER A 69 6.92 -8.87 -24.75
N ASN A 70 8.10 -9.05 -25.33
CA ASN A 70 8.31 -10.04 -26.39
C ASN A 70 7.95 -11.46 -25.94
N THR A 71 8.47 -11.87 -24.78
CA THR A 71 8.11 -13.19 -24.26
C THR A 71 6.62 -13.26 -23.94
N GLY A 72 5.99 -12.13 -23.63
CA GLY A 72 4.54 -12.10 -23.47
C GLY A 72 3.82 -12.33 -24.80
N LEU A 73 4.22 -11.60 -25.83
CA LEU A 73 3.61 -11.84 -27.13
C LEU A 73 3.75 -13.30 -27.56
N LEU A 74 4.95 -13.86 -27.37
CA LEU A 74 5.21 -15.23 -27.78
C LEU A 74 4.29 -16.18 -27.05
N ALA A 75 4.11 -15.93 -25.76
CA ALA A 75 3.27 -16.78 -24.94
C ALA A 75 1.83 -16.77 -25.45
N LEU A 76 1.36 -15.61 -25.91
CA LEU A 76 0.02 -15.50 -26.50
C LEU A 76 -0.06 -16.09 -27.92
N GLY A 77 1.00 -16.75 -28.37
CA GLY A 77 1.05 -17.33 -29.71
C GLY A 77 1.30 -16.35 -30.85
N VAL A 78 1.85 -15.17 -30.51
CA VAL A 78 1.95 -14.06 -31.46
C VAL A 78 3.39 -13.93 -31.90
N THR A 79 3.70 -14.48 -33.07
CA THR A 79 5.08 -14.70 -33.46
C THR A 79 5.48 -13.69 -34.54
N ASP A 80 4.54 -12.82 -34.91
CA ASP A 80 4.81 -11.75 -35.87
C ASP A 80 6.09 -10.98 -35.49
N ASN A 81 6.76 -10.43 -36.50
CA ASN A 81 7.87 -9.48 -36.31
C ASN A 81 7.35 -8.05 -36.07
N LEU A 82 7.55 -7.52 -34.86
CA LEU A 82 7.18 -6.12 -34.56
C LEU A 82 8.21 -5.14 -35.10
N GLY A 83 9.36 -5.64 -35.54
CA GLY A 83 10.33 -4.81 -36.25
C GLY A 83 11.29 -4.06 -35.34
N ASP A 84 11.44 -4.54 -34.11
CA ASP A 84 12.35 -3.91 -33.15
C ASP A 84 13.19 -4.98 -32.45
N SER A 85 14.49 -5.03 -32.75
CA SER A 85 15.32 -6.07 -32.17
C SER A 85 15.70 -5.82 -30.72
N LEU A 86 15.74 -4.56 -30.31
CA LEU A 86 15.91 -4.22 -28.90
C LEU A 86 14.69 -4.71 -28.10
N PHE A 87 13.51 -4.51 -28.66
CA PHE A 87 12.30 -5.09 -28.08
C PHE A 87 12.37 -6.61 -28.00
N ALA A 88 12.87 -7.24 -29.06
CA ALA A 88 12.90 -8.70 -29.13
C ALA A 88 13.93 -9.30 -28.15
N ASN A 89 15.09 -8.68 -28.04
CA ASN A 89 16.13 -9.13 -27.13
C ASN A 89 15.91 -8.84 -25.65
N GLY A 90 15.15 -7.78 -25.36
CA GLY A 90 14.80 -7.49 -23.96
C GLY A 90 15.81 -6.57 -23.28
N GLN A 91 15.34 -5.83 -22.28
CA GLN A 91 16.20 -4.82 -21.68
C GLN A 91 17.37 -5.38 -20.89
N ALA A 92 17.21 -6.54 -20.27
CA ALA A 92 18.34 -7.16 -19.53
C ALA A 92 19.57 -7.31 -20.42
N LYS A 93 19.34 -7.85 -21.62
CA LYS A 93 20.40 -7.98 -22.62
C LYS A 93 20.99 -6.62 -23.01
N ASP A 94 20.17 -5.58 -23.02
CA ASP A 94 20.67 -4.28 -23.39
C ASP A 94 21.53 -3.59 -22.33
N ALA A 95 21.72 -4.23 -21.18
CA ALA A 95 22.27 -3.56 -19.98
C ALA A 95 23.74 -3.15 -20.06
N THR A 96 24.49 -3.82 -20.92
CA THR A 96 25.93 -3.64 -20.94
C THR A 96 26.25 -2.37 -21.70
N SER A 97 25.54 -2.17 -22.81
CA SER A 97 25.71 -0.99 -23.61
C SER A 97 25.27 0.25 -22.82
N PHE A 98 24.68 0.05 -21.66
CA PHE A 98 24.40 1.15 -20.75
C PHE A 98 25.47 1.32 -19.66
N LYS A 99 26.49 0.46 -19.66
CA LYS A 99 27.57 0.62 -18.71
C LYS A 99 27.04 0.47 -17.29
N GLU A 100 26.14 -0.50 -17.12
CA GLU A 100 25.54 -0.79 -15.82
C GLU A 100 25.52 -2.30 -15.65
N SER A 101 25.85 -2.78 -14.45
CA SER A 101 25.70 -4.20 -14.15
C SER A 101 24.30 -4.47 -13.61
N THR A 102 23.76 -5.65 -13.94
CA THR A 102 22.48 -6.06 -13.39
C THR A 102 22.59 -6.48 -11.90
N SER A 103 23.74 -6.26 -11.29
CA SER A 103 23.92 -6.58 -9.86
C SER A 103 22.90 -5.86 -8.94
N SER A 104 22.54 -4.62 -9.29
CA SER A 104 21.55 -3.86 -8.51
C SER A 104 20.10 -3.94 -9.05
N TRP A 105 19.89 -4.76 -10.06
CA TRP A 105 18.57 -4.91 -10.68
C TRP A 105 17.56 -5.64 -9.78
N VAL A 106 16.30 -5.22 -9.82
CA VAL A 106 15.19 -6.12 -9.49
C VAL A 106 15.27 -7.53 -10.11
N PRO A 107 15.30 -8.55 -9.26
CA PRO A 107 15.67 -9.86 -9.81
C PRO A 107 14.73 -10.24 -10.95
N GLN A 108 13.49 -9.80 -10.88
CA GLN A 108 12.48 -10.16 -11.87
C GLN A 108 12.73 -9.48 -13.22
N PHE A 109 13.42 -8.34 -13.21
CA PHE A 109 13.76 -7.64 -14.45
C PHE A 109 14.94 -8.27 -15.15
N ALA A 110 15.77 -8.99 -14.40
CA ALA A 110 17.04 -9.50 -14.95
C ALA A 110 16.81 -10.82 -15.65
N GLY A 111 15.78 -10.85 -16.49
CA GLY A 111 15.52 -12.00 -17.35
C GLY A 111 14.44 -11.65 -18.35
N THR A 112 13.76 -12.68 -18.84
CA THR A 112 12.60 -12.47 -19.71
C THR A 112 11.35 -13.16 -19.17
N GLY A 113 11.29 -13.31 -17.83
CA GLY A 113 10.12 -13.96 -17.22
C GLY A 113 8.87 -13.09 -17.23
N ILE A 114 9.04 -11.78 -17.37
CA ILE A 114 7.88 -10.89 -17.36
C ILE A 114 7.21 -10.84 -18.75
N HIS A 115 5.94 -11.17 -18.79
CA HIS A 115 5.14 -11.20 -20.02
C HIS A 115 4.35 -9.90 -20.26
N GLY A 116 4.19 -9.07 -19.23
CA GLY A 116 3.60 -7.78 -19.48
C GLY A 116 3.53 -6.91 -18.26
N VAL A 117 2.88 -5.78 -18.46
CA VAL A 117 2.62 -4.85 -17.39
C VAL A 117 1.23 -4.28 -17.59
N ILE A 118 0.46 -4.25 -16.51
CA ILE A 118 -0.76 -3.48 -16.43
C ILE A 118 -0.47 -2.24 -15.64
N ILE A 119 -0.91 -1.10 -16.16
CA ILE A 119 -0.74 0.17 -15.48
C ILE A 119 -2.08 0.66 -14.96
N LEU A 120 -2.17 0.86 -13.65
CA LEU A 120 -3.39 1.34 -13.04
C LEU A 120 -3.15 2.69 -12.42
N ALA A 121 -4.06 3.63 -12.70
CA ALA A 121 -3.97 4.98 -12.19
C ALA A 121 -5.32 5.41 -11.65
N SER A 122 -5.27 6.19 -10.57
CA SER A 122 -6.43 6.57 -9.83
C SER A 122 -5.98 7.61 -8.85
N ASP A 123 -6.92 8.33 -8.27
CA ASP A 123 -6.57 9.39 -7.38
C ASP A 123 -6.37 8.93 -5.92
N THR A 124 -6.72 7.68 -5.64
CA THR A 124 -6.33 7.04 -4.36
C THR A 124 -5.85 5.61 -4.54
N THR A 125 -5.11 5.10 -3.56
CA THR A 125 -4.59 3.74 -3.64
C THR A 125 -5.68 2.70 -3.38
N ASP A 126 -6.70 3.06 -2.63
CA ASP A 126 -7.80 2.14 -2.34
C ASP A 126 -8.42 1.63 -3.64
N LEU A 127 -8.78 2.57 -4.51
CA LEU A 127 -9.35 2.24 -5.81
C LEU A 127 -8.40 1.37 -6.62
N ILE A 128 -7.13 1.73 -6.68
CA ILE A 128 -6.18 0.83 -7.32
C ILE A 128 -6.28 -0.57 -6.73
N ASP A 129 -6.17 -0.67 -5.39
CA ASP A 129 -6.15 -1.95 -4.67
C ASP A 129 -7.33 -2.88 -5.05
N GLN A 130 -8.52 -2.32 -5.03
CA GLN A 130 -9.74 -3.04 -5.33
C GLN A 130 -9.80 -3.48 -6.80
N GLN A 131 -9.27 -2.65 -7.68
CA GLN A 131 -9.19 -3.01 -9.10
C GLN A 131 -8.24 -4.19 -9.33
N VAL A 132 -7.15 -4.23 -8.56
CA VAL A 132 -6.23 -5.37 -8.63
C VAL A 132 -6.96 -6.64 -8.22
N ALA A 133 -7.62 -6.58 -7.07
CA ALA A 133 -8.43 -7.71 -6.57
C ALA A 133 -9.33 -8.22 -7.70
N SER A 134 -10.09 -7.30 -8.25
CA SER A 134 -11.09 -7.62 -9.28
C SER A 134 -10.46 -8.25 -10.52
N ILE A 135 -9.29 -7.75 -10.91
CA ILE A 135 -8.53 -8.37 -11.98
C ILE A 135 -7.98 -9.74 -11.62
N GLU A 136 -7.47 -9.88 -10.39
CA GLU A 136 -6.97 -11.17 -9.95
C GLU A 136 -8.07 -12.22 -9.75
N SER A 137 -9.22 -11.80 -9.23
CA SER A 137 -10.37 -12.69 -9.19
C SER A 137 -10.80 -13.18 -10.58
N THR A 138 -10.92 -12.26 -11.53
CA THR A 138 -11.36 -12.60 -12.88
C THR A 138 -10.41 -13.55 -13.58
N PHE A 139 -9.13 -13.20 -13.60
CA PHE A 139 -8.11 -13.95 -14.33
C PHE A 139 -7.73 -15.24 -13.62
N GLY A 140 -7.77 -15.24 -12.28
CA GLY A 140 -7.52 -16.49 -11.53
C GLY A 140 -6.05 -16.82 -11.61
N SER A 141 -5.73 -18.09 -11.82
CA SER A 141 -4.36 -18.47 -12.13
C SER A 141 -3.95 -18.47 -13.61
N SER A 142 -4.76 -17.90 -14.50
CA SER A 142 -4.24 -17.69 -15.86
C SER A 142 -3.14 -16.60 -15.89
N ILE A 143 -2.97 -15.91 -14.76
CA ILE A 143 -1.86 -14.97 -14.59
C ILE A 143 -1.19 -15.07 -13.21
N SER A 144 0.11 -14.79 -13.18
CA SER A 144 0.86 -14.58 -11.96
C SER A 144 1.42 -13.16 -11.93
N LYS A 145 1.24 -12.49 -10.80
CA LYS A 145 2.04 -11.33 -10.46
C LYS A 145 3.49 -11.70 -10.19
N LEU A 146 4.42 -11.10 -10.92
CA LEU A 146 5.83 -11.39 -10.71
C LEU A 146 6.52 -10.27 -9.94
N TYR A 147 6.07 -9.03 -10.14
CA TYR A 147 6.59 -7.87 -9.42
C TYR A 147 5.62 -6.68 -9.55
N SER A 148 5.75 -5.71 -8.65
CA SER A 148 4.86 -4.56 -8.61
C SER A 148 5.63 -3.28 -8.20
N LEU A 149 5.29 -2.14 -8.76
CA LEU A 149 5.85 -0.88 -8.28
C LEU A 149 4.74 0.16 -8.09
N SER A 150 4.54 0.63 -6.84
CA SER A 150 3.62 1.75 -6.57
C SER A 150 4.34 3.09 -6.72
N ALA A 151 3.61 4.11 -7.17
CA ALA A 151 4.16 5.42 -7.52
C ALA A 151 3.07 6.46 -7.22
N SER A 152 3.45 7.72 -7.08
CA SER A 152 2.49 8.82 -7.01
C SER A 152 3.11 10.15 -7.32
N ILE A 153 2.25 11.10 -7.67
CA ILE A 153 2.61 12.50 -7.67
C ILE A 153 3.13 12.81 -6.28
N ARG A 154 4.13 13.68 -6.18
CA ARG A 154 4.67 14.10 -4.88
C ARG A 154 3.67 15.01 -4.16
N PRO A 155 3.75 15.07 -2.81
CA PRO A 155 2.75 15.74 -1.95
C PRO A 155 2.81 17.26 -2.05
N GLY A 156 1.65 17.91 -1.90
CA GLY A 156 1.64 19.35 -1.63
C GLY A 156 2.11 20.26 -2.76
N ASN A 157 2.90 21.28 -2.41
CA ASN A 157 3.53 22.13 -3.42
C ASN A 157 4.61 21.39 -4.23
N GLU A 158 4.93 20.16 -3.87
CA GLU A 158 5.90 19.38 -4.65
C GLU A 158 5.27 18.60 -5.80
N ALA A 159 3.96 18.71 -5.95
CA ALA A 159 3.24 18.01 -6.99
C ALA A 159 3.77 18.46 -8.34
N GLY A 160 4.07 17.48 -9.19
CA GLY A 160 4.65 17.75 -10.52
C GLY A 160 6.17 17.84 -10.48
N HIS A 161 6.74 17.84 -9.27
CA HIS A 161 8.18 17.76 -9.14
C HIS A 161 8.62 16.30 -8.96
N GLU A 162 9.83 16.01 -9.44
CA GLU A 162 10.50 14.73 -9.15
C GLU A 162 11.27 14.78 -7.83
N MET A 163 11.81 13.63 -7.40
CA MET A 163 12.38 13.52 -6.03
C MET A 163 13.60 14.43 -5.74
N PHE A 164 14.35 14.84 -6.76
CA PHE A 164 15.42 15.84 -6.53
C PHE A 164 14.84 17.24 -6.29
N GLY A 165 13.55 17.43 -6.58
CA GLY A 165 12.90 18.74 -6.33
C GLY A 165 12.50 19.50 -7.61
N PHE A 166 12.84 18.96 -8.77
CA PHE A 166 12.74 19.72 -10.05
C PHE A 166 11.41 19.44 -10.73
N LEU A 167 10.69 20.51 -11.05
CA LEU A 167 9.48 20.41 -11.88
C LEU A 167 9.84 19.63 -13.08
N ASP A 168 9.08 18.58 -13.32
CA ASP A 168 9.28 17.80 -14.52
CA ASP A 168 9.24 17.69 -14.44
C ASP A 168 8.06 17.85 -15.42
N GLY A 169 8.11 17.14 -16.54
CA GLY A 169 7.04 17.19 -17.54
C GLY A 169 6.72 18.55 -18.14
N ILE A 170 7.70 19.42 -18.28
CA ILE A 170 7.52 20.62 -19.10
C ILE A 170 7.59 20.31 -20.61
N ALA A 171 8.52 19.43 -20.98
CA ALA A 171 8.98 19.31 -22.35
C ALA A 171 8.59 17.97 -22.97
N GLN A 172 7.89 18.03 -24.10
CA GLN A 172 7.50 16.85 -24.85
C GLN A 172 7.48 17.24 -26.32
N PRO A 173 7.74 16.29 -27.23
CA PRO A 173 7.59 16.62 -28.65
C PRO A 173 6.12 16.93 -28.96
N ALA A 174 5.87 17.87 -29.87
CA ALA A 174 4.53 18.03 -30.44
C ALA A 174 4.40 17.15 -31.67
N ILE A 175 3.38 16.31 -31.71
CA ILE A 175 3.05 15.57 -32.91
C ILE A 175 2.29 16.46 -33.90
N ASN A 176 2.84 16.63 -35.09
CA ASN A 176 2.19 17.29 -36.23
C ASN A 176 1.07 16.39 -36.80
N GLY A 177 -0.10 16.95 -37.12
CA GLY A 177 -0.80 17.94 -36.35
C GLY A 177 -1.88 17.25 -35.52
N PHE A 178 -1.41 16.61 -34.45
CA PHE A 178 -2.23 16.32 -33.30
C PHE A 178 -2.16 17.51 -32.36
N ASN A 179 -0.93 17.83 -31.96
CA ASN A 179 -0.69 18.85 -30.95
C ASN A 179 -0.57 20.21 -31.63
N THR A 180 -1.11 21.26 -31.02
CA THR A 180 -0.71 22.59 -31.46
C THR A 180 0.50 23.03 -30.66
N PRO A 181 1.60 23.35 -31.34
CA PRO A 181 2.88 23.44 -30.65
C PRO A 181 2.98 24.69 -29.79
N LEU A 182 3.66 24.56 -28.65
CA LEU A 182 4.05 25.70 -27.83
C LEU A 182 5.33 26.37 -28.32
N PRO A 183 5.62 27.59 -27.82
CA PRO A 183 6.88 28.27 -28.13
C PRO A 183 8.12 27.42 -27.75
N GLY A 184 8.86 26.99 -28.77
CA GLY A 184 10.15 26.31 -28.58
C GLY A 184 10.09 24.78 -28.61
N GLN A 185 8.89 24.25 -28.54
CA GLN A 185 8.65 22.81 -28.57
C GLN A 185 9.01 22.23 -29.96
N ASN A 186 9.74 21.11 -29.98
CA ASN A 186 9.99 20.35 -31.19
C ASN A 186 8.66 19.81 -31.74
N ILE A 187 8.63 19.61 -33.06
CA ILE A 187 7.46 19.09 -33.78
C ILE A 187 7.97 17.91 -34.63
N VAL A 188 7.32 16.75 -34.51
CA VAL A 188 7.77 15.51 -35.16
C VAL A 188 6.59 14.85 -35.87
N ASP A 189 6.87 13.91 -36.76
CA ASP A 189 5.81 13.10 -37.36
C ASP A 189 5.27 12.14 -36.31
N ALA A 190 3.97 11.87 -36.37
CA ALA A 190 3.37 10.87 -35.50
C ALA A 190 4.18 9.57 -35.42
N GLY A 191 4.81 9.16 -36.51
CA GLY A 191 5.45 7.86 -36.57
C GLY A 191 6.79 7.80 -35.81
N VAL A 192 7.25 8.92 -35.28
CA VAL A 192 8.29 8.91 -34.28
C VAL A 192 7.83 8.27 -32.96
N ILE A 193 6.52 8.34 -32.70
CA ILE A 193 5.97 7.81 -31.45
C ILE A 193 5.03 6.61 -31.65
N ILE A 194 4.26 6.62 -32.74
CA ILE A 194 3.22 5.62 -32.94
C ILE A 194 3.60 4.67 -34.06
N THR A 195 3.59 3.40 -33.76
CA THR A 195 4.21 2.45 -34.64
C THR A 195 3.23 2.34 -35.79
N GLY A 196 3.73 2.46 -37.01
CA GLY A 196 2.88 2.42 -38.17
C GLY A 196 2.24 3.75 -38.50
N ALA A 197 2.45 4.78 -37.69
CA ALA A 197 1.84 6.07 -38.04
C ALA A 197 2.69 6.83 -39.05
N THR A 198 2.26 8.05 -39.37
CA THR A 198 2.88 8.89 -40.39
C THR A 198 4.40 8.88 -40.33
N ASN A 199 5.01 8.34 -41.39
CA ASN A 199 6.46 8.29 -41.60
C ASN A 199 7.25 7.39 -40.65
N ASP A 200 6.58 6.40 -40.06
CA ASP A 200 7.29 5.27 -39.46
C ASP A 200 7.78 4.40 -40.60
N PRO A 201 9.10 4.38 -40.82
CA PRO A 201 9.72 3.68 -41.93
C PRO A 201 9.68 2.17 -41.77
N ILE A 202 9.39 1.69 -40.56
CA ILE A 202 9.52 0.26 -40.29
C ILE A 202 8.18 -0.45 -40.57
N THR A 203 8.23 -1.51 -41.36
CA THR A 203 7.09 -2.44 -41.47
C THR A 203 6.65 -3.01 -40.11
N ARG A 204 5.37 -2.89 -39.81
CA ARG A 204 4.75 -3.49 -38.62
C ARG A 204 3.69 -4.54 -39.01
N PRO A 205 3.39 -5.48 -38.12
CA PRO A 205 2.13 -6.23 -38.31
C PRO A 205 0.92 -5.29 -38.25
N SER A 206 -0.13 -5.57 -39.01
CA SER A 206 -1.23 -4.61 -39.14
C SER A 206 -1.97 -4.37 -37.82
N TRP A 207 -2.05 -5.41 -37.00
CA TRP A 207 -2.68 -5.30 -35.69
C TRP A 207 -1.98 -4.34 -34.75
N ALA A 208 -0.69 -4.04 -35.00
CA ALA A 208 0.13 -3.25 -34.09
C ALA A 208 0.18 -1.76 -34.46
N VAL A 209 -0.46 -1.43 -35.57
CA VAL A 209 -0.49 -0.06 -36.06
C VAL A 209 -1.37 0.82 -35.15
N GLY A 210 -0.77 1.87 -34.57
CA GLY A 210 -1.42 2.60 -33.48
C GLY A 210 -0.94 2.30 -32.04
N GLY A 211 0.10 1.47 -31.91
CA GLY A 211 0.72 1.24 -30.59
C GLY A 211 2.03 2.00 -30.41
N SER A 212 2.79 1.67 -29.34
CA SER A 212 4.06 2.33 -29.06
C SER A 212 4.97 1.42 -28.24
N PHE A 213 6.28 1.63 -28.31
CA PHE A 213 7.18 0.90 -27.45
C PHE A 213 7.38 1.65 -26.14
N LEU A 214 7.07 0.97 -25.04
CA LEU A 214 7.16 1.57 -23.69
C LEU A 214 8.46 1.10 -23.07
N ALA A 215 9.39 2.02 -22.88
CA ALA A 215 10.61 1.64 -22.19
C ALA A 215 10.48 1.98 -20.69
N PHE A 216 10.46 0.95 -19.85
CA PHE A 216 10.29 1.13 -18.40
C PHE A 216 11.62 1.04 -17.69
N ARG A 217 11.87 1.97 -16.75
CA ARG A 217 13.08 1.95 -15.91
C ARG A 217 12.75 2.37 -14.45
N GLN A 218 13.11 1.53 -13.49
CA GLN A 218 12.96 1.84 -12.05
C GLN A 218 14.26 2.45 -11.60
N LEU A 219 14.26 3.78 -11.48
CA LEU A 219 15.52 4.50 -11.31
C LEU A 219 15.59 5.07 -9.89
N GLU A 220 16.42 4.48 -9.01
CA GLU A 220 16.46 4.93 -7.63
C GLU A 220 17.27 6.22 -7.66
N GLN A 221 16.81 7.22 -6.88
CA GLN A 221 17.45 8.52 -6.75
C GLN A 221 18.00 8.70 -5.33
N LEU A 222 19.27 9.10 -5.18
CA LEU A 222 19.88 9.27 -3.85
C LEU A 222 19.86 10.73 -3.42
N VAL A 223 18.76 11.15 -2.85
CA VAL A 223 18.41 12.58 -2.77
C VAL A 223 19.26 13.35 -1.75
N PRO A 224 19.37 12.79 -0.54
CA PRO A 224 20.28 13.30 0.52
C PRO A 224 21.72 13.43 0.04
N GLU A 225 22.19 12.41 -0.68
CA GLU A 225 23.55 12.39 -1.16
C GLU A 225 23.72 13.50 -2.21
N PHE A 226 22.75 13.63 -3.10
CA PHE A 226 22.75 14.66 -4.13
C PHE A 226 22.83 16.02 -3.47
N ASN A 227 21.99 16.25 -2.46
CA ASN A 227 21.93 17.57 -1.84
C ASN A 227 23.21 17.92 -1.13
N LYS A 228 23.87 16.87 -0.61
CA LYS A 228 25.12 17.07 0.13
C LYS A 228 26.26 17.38 -0.82
N TYR A 229 26.28 16.66 -1.93
CA TYR A 229 27.24 16.96 -3.00
C TYR A 229 27.11 18.41 -3.48
N LEU A 230 25.88 18.85 -3.76
CA LEU A 230 25.70 20.26 -4.10
C LEU A 230 26.28 21.22 -3.05
N LEU A 231 26.01 20.96 -1.77
CA LEU A 231 26.56 21.84 -0.72
C LEU A 231 28.08 21.75 -0.68
N ASP A 232 28.61 20.55 -0.92
CA ASP A 232 30.05 20.34 -0.82
C ASP A 232 30.84 20.91 -1.98
N ASN A 233 30.21 21.02 -3.14
CA ASN A 233 30.92 21.45 -4.32
C ASN A 233 30.40 22.74 -4.93
N ALA A 234 29.53 23.44 -4.19
CA ALA A 234 28.99 24.69 -4.72
C ALA A 234 30.18 25.59 -5.07
N PRO A 235 30.11 26.24 -6.24
CA PRO A 235 31.18 27.19 -6.53
C PRO A 235 31.26 28.27 -5.46
N ALA A 236 32.46 28.85 -5.31
CA ALA A 236 32.63 30.07 -4.53
C ALA A 236 31.84 31.23 -5.12
N GLY A 237 31.64 32.28 -4.31
CA GLY A 237 30.88 33.42 -4.76
C GLY A 237 30.30 34.22 -3.62
N SER A 238 29.72 35.37 -3.96
CA SER A 238 29.18 36.31 -2.97
C SER A 238 27.79 35.88 -2.55
N GLY A 239 27.24 34.90 -3.27
CA GLY A 239 25.93 34.37 -2.96
C GLY A 239 25.91 33.55 -1.68
N SER A 240 24.73 33.44 -1.07
CA SER A 240 24.53 32.51 0.03
C SER A 240 24.97 31.09 -0.39
N LEU A 241 25.44 30.33 0.58
CA LEU A 241 25.75 28.91 0.36
C LEU A 241 24.57 28.22 -0.33
N GLN A 242 23.36 28.47 0.14
CA GLN A 242 22.20 27.80 -0.40
C GLN A 242 21.97 28.26 -1.86
N ALA A 243 22.23 29.53 -2.17
CA ALA A 243 21.99 29.98 -3.57
C ALA A 243 23.00 29.30 -4.49
N ARG A 244 24.25 29.27 -4.07
CA ARG A 244 25.32 28.69 -4.90
C ARG A 244 25.16 27.20 -5.09
N ALA A 245 24.71 26.51 -4.05
CA ALA A 245 24.39 25.09 -4.18
C ALA A 245 23.24 24.84 -5.15
N ASP A 246 22.16 25.60 -5.00
CA ASP A 246 21.03 25.54 -5.93
C ASP A 246 21.47 25.83 -7.35
N LEU A 247 22.34 26.83 -7.51
CA LEU A 247 22.92 27.09 -8.82
C LEU A 247 23.58 25.87 -9.46
N LEU A 248 24.42 25.17 -8.70
CA LEU A 248 25.06 23.96 -9.22
C LEU A 248 24.01 22.90 -9.60
N GLY A 249 23.03 22.68 -8.72
CA GLY A 249 21.92 21.78 -9.03
C GLY A 249 21.26 22.15 -10.37
N ALA A 250 20.94 23.43 -10.56
CA ALA A 250 20.22 23.85 -11.77
C ALA A 250 21.06 23.66 -13.01
N ARG A 251 22.36 23.91 -12.88
CA ARG A 251 23.29 23.75 -13.99
C ARG A 251 23.49 22.31 -14.43
N MET A 252 23.34 21.38 -13.48
CA MET A 252 23.30 19.95 -13.78
C MET A 252 22.04 19.59 -14.57
N VAL A 253 20.91 20.14 -14.16
CA VAL A 253 19.62 19.76 -14.77
C VAL A 253 19.43 20.51 -16.10
N GLY A 254 19.81 21.79 -16.10
CA GLY A 254 19.43 22.70 -17.18
C GLY A 254 18.19 23.54 -16.90
N ARG A 255 17.59 23.38 -15.72
CA ARG A 255 16.41 24.19 -15.31
C ARG A 255 16.50 24.33 -13.82
N TRP A 256 15.97 25.45 -13.30
CA TRP A 256 15.78 25.57 -11.89
C TRP A 256 14.64 24.64 -11.47
N LYS A 257 14.54 24.38 -10.17
CA LYS A 257 13.45 23.56 -9.65
C LYS A 257 12.07 24.09 -9.99
N SER A 258 11.93 25.40 -10.18
CA SER A 258 10.64 25.97 -10.61
C SER A 258 10.32 25.61 -12.05
N GLY A 259 11.33 25.14 -12.79
CA GLY A 259 11.11 24.78 -14.19
C GLY A 259 11.63 25.80 -15.18
N ALA A 260 12.03 26.97 -14.67
CA ALA A 260 12.60 28.02 -15.49
C ALA A 260 13.91 27.49 -16.05
N PRO A 261 14.07 27.55 -17.38
CA PRO A 261 15.23 26.97 -18.01
C PRO A 261 16.40 27.94 -17.74
N ILE A 262 17.56 27.41 -17.35
CA ILE A 262 18.68 28.28 -17.00
C ILE A 262 19.18 28.99 -18.23
N ASP A 263 18.94 28.40 -19.40
CA ASP A 263 19.35 29.06 -20.66
C ASP A 263 18.83 30.50 -20.72
N LEU A 264 17.59 30.70 -20.28
CA LEU A 264 16.96 32.05 -20.21
C LEU A 264 17.20 32.81 -18.90
N THR A 265 17.58 32.10 -17.85
CA THR A 265 17.85 32.79 -16.57
C THR A 265 19.02 32.17 -15.82
N PRO A 266 20.24 32.56 -16.19
CA PRO A 266 21.38 31.68 -15.93
C PRO A 266 21.88 31.84 -14.51
N THR A 267 21.40 32.86 -13.80
CA THR A 267 22.02 33.24 -12.52
C THR A 267 21.08 33.13 -11.33
N ALA A 268 19.78 33.16 -11.61
CA ALA A 268 18.78 32.95 -10.57
C ALA A 268 17.50 32.34 -11.12
N ASP A 269 16.83 31.57 -10.26
CA ASP A 269 15.52 31.01 -10.58
C ASP A 269 14.57 32.16 -10.89
N ASP A 270 13.59 31.89 -11.75
CA ASP A 270 12.48 32.82 -12.05
C ASP A 270 11.18 32.00 -12.07
N PRO A 271 10.49 31.92 -10.93
CA PRO A 271 9.34 31.01 -10.84
C PRO A 271 8.18 31.39 -11.78
N ALA A 272 8.06 32.67 -12.13
CA ALA A 272 6.97 33.10 -13.01
C ALA A 272 7.25 32.60 -14.41
N LEU A 273 8.52 32.65 -14.79
CA LEU A 273 8.95 32.04 -16.02
C LEU A 273 8.70 30.53 -15.96
N GLY A 274 9.13 29.91 -14.86
CA GLY A 274 9.00 28.46 -14.69
C GLY A 274 7.59 27.96 -14.85
N ALA A 275 6.62 28.75 -14.40
CA ALA A 275 5.19 28.37 -14.44
C ALA A 275 4.54 28.63 -15.80
N ASP A 276 5.25 29.26 -16.71
CA ASP A 276 4.59 29.75 -17.95
C ASP A 276 4.95 28.90 -19.17
N ALA A 277 4.03 28.03 -19.58
CA ALA A 277 4.24 27.14 -20.76
C ALA A 277 4.47 27.90 -22.06
N GLN A 278 4.06 29.17 -22.08
CA GLN A 278 4.29 30.00 -23.26
C GLN A 278 5.76 30.47 -23.34
N ARG A 279 6.46 30.48 -22.22
CA ARG A 279 7.83 30.97 -22.20
C ARG A 279 8.87 29.90 -21.82
N ASN A 280 8.46 28.86 -21.09
CA ASN A 280 9.47 28.13 -20.33
C ASN A 280 10.21 27.12 -21.21
N ASN A 281 9.83 27.01 -22.49
CA ASN A 281 10.53 26.15 -23.45
C ASN A 281 11.03 26.89 -24.66
N ASN A 282 11.00 28.22 -24.60
CA ASN A 282 11.15 29.02 -25.81
C ASN A 282 12.60 29.46 -25.98
N PHE A 283 13.44 28.54 -26.44
CA PHE A 283 14.89 28.69 -26.46
C PHE A 283 15.58 27.54 -27.20
N THR A 284 16.80 27.77 -27.65
CA THR A 284 17.45 26.90 -28.62
C THR A 284 18.88 26.64 -28.16
N TYR A 285 19.30 27.29 -27.07
CA TYR A 285 20.70 27.39 -26.66
C TYR A 285 21.57 28.48 -27.33
N SER A 286 21.16 28.96 -28.50
CA SER A 286 21.81 30.09 -29.15
C SER A 286 21.60 31.42 -28.38
N HIS A 287 22.63 32.27 -28.39
CA HIS A 287 22.47 33.67 -27.98
C HIS A 287 23.37 34.55 -28.83
N ALA A 288 22.83 35.69 -29.26
CA ALA A 288 23.68 36.72 -29.89
C ALA A 288 24.53 37.40 -28.84
N GLY A 289 25.71 37.90 -29.22
CA GLY A 289 26.70 37.12 -29.94
C GLY A 289 27.57 36.38 -28.92
N PHE A 290 27.13 35.20 -28.56
CA PHE A 290 28.04 34.24 -27.93
C PHE A 290 28.13 33.15 -28.96
N ASP A 291 29.27 32.50 -29.10
CA ASP A 291 29.27 31.42 -30.06
C ASP A 291 28.92 30.05 -29.49
N LEU A 292 28.14 29.31 -30.27
CA LEU A 292 27.43 28.15 -29.78
C LEU A 292 28.41 27.11 -29.22
N GLY A 293 29.61 27.06 -29.81
CA GLY A 293 30.53 25.94 -29.61
C GLY A 293 31.35 25.97 -28.32
N SER A 294 31.39 27.13 -27.68
CA SER A 294 32.25 27.36 -26.53
C SER A 294 31.52 27.99 -25.32
N ASP A 295 30.39 28.66 -25.56
CA ASP A 295 29.71 29.39 -24.49
C ASP A 295 28.91 28.47 -23.57
N GLN A 296 29.36 28.37 -22.33
CA GLN A 296 28.70 27.53 -21.33
C GLN A 296 28.14 28.37 -20.17
N SER A 297 28.20 29.68 -20.32
CA SER A 297 27.75 30.60 -19.27
C SER A 297 26.22 30.67 -19.16
N HIS A 298 25.50 30.30 -20.20
CA HIS A 298 24.04 30.17 -20.10
C HIS A 298 23.62 28.78 -19.54
N CYS A 299 24.23 27.72 -20.06
CA CYS A 299 23.87 26.33 -19.76
C CYS A 299 25.09 25.50 -20.13
N PRO A 300 25.56 24.63 -19.22
CA PRO A 300 26.62 23.69 -19.59
C PRO A 300 26.21 22.83 -20.77
N PHE A 301 27.20 22.32 -21.52
CA PHE A 301 26.89 21.37 -22.61
C PHE A 301 26.45 20.04 -22.05
N SER A 302 26.75 19.84 -20.76
CA SER A 302 26.60 18.55 -20.09
C SER A 302 25.27 18.46 -19.34
N ALA A 303 24.58 19.59 -19.22
CA ALA A 303 23.28 19.59 -18.61
C ALA A 303 22.36 18.51 -19.13
N HIS A 304 21.66 17.86 -18.21
CA HIS A 304 20.67 16.83 -18.58
C HIS A 304 19.78 17.13 -19.80
N ILE A 305 18.96 18.19 -19.77
CA ILE A 305 18.00 18.42 -20.87
C ILE A 305 18.68 18.80 -22.18
N ARG A 306 19.83 19.44 -22.09
CA ARG A 306 20.66 19.74 -23.28
C ARG A 306 21.24 18.45 -23.91
N LYS A 307 21.51 17.46 -23.05
CA LYS A 307 22.12 16.18 -23.42
C LYS A 307 21.08 15.28 -24.04
N THR A 308 19.85 15.45 -23.60
CA THR A 308 18.77 14.63 -24.10
C THR A 308 17.89 15.30 -25.18
N ARG A 309 17.78 16.63 -25.20
CA ARG A 309 17.37 17.33 -26.43
C ARG A 309 18.30 18.48 -26.82
N PRO A 310 19.25 18.20 -27.72
CA PRO A 310 20.37 19.09 -28.03
C PRO A 310 19.95 20.43 -28.68
N ARG A 311 18.75 20.49 -29.26
CA ARG A 311 18.32 21.70 -29.98
C ARG A 311 19.40 22.22 -30.93
N ALA A 312 19.69 23.52 -30.84
CA ALA A 312 20.60 24.12 -31.80
C ALA A 312 22.01 23.53 -31.76
N ASP A 313 22.37 22.80 -30.70
CA ASP A 313 23.60 21.98 -30.73
C ASP A 313 23.71 21.03 -31.94
N LEU A 314 22.60 20.46 -32.39
CA LEU A 314 22.64 19.58 -33.55
C LEU A 314 22.21 20.31 -34.83
N GLY A 315 22.31 21.63 -34.84
CA GLY A 315 22.07 22.43 -36.03
C GLY A 315 20.65 22.97 -36.12
N GLY A 316 20.22 23.33 -37.33
CA GLY A 316 18.91 23.95 -37.55
C GLY A 316 18.81 25.39 -37.10
N SER A 317 17.59 25.84 -36.81
CA SER A 317 17.33 27.24 -36.45
C SER A 317 17.90 27.68 -35.07
N LEU A 318 18.41 28.91 -35.04
CA LEU A 318 18.97 29.51 -33.83
C LEU A 318 17.90 30.26 -33.06
N THR A 319 16.84 30.61 -33.76
CA THR A 319 15.68 31.20 -33.14
C THR A 319 14.62 30.11 -33.02
N PRO A 320 13.82 30.18 -31.96
CA PRO A 320 12.89 29.10 -31.71
C PRO A 320 11.78 29.18 -32.74
N PRO A 321 11.31 28.03 -33.22
CA PRO A 321 11.71 26.83 -32.49
C PRO A 321 12.76 26.03 -33.24
N ASN A 322 13.71 25.47 -32.50
CA ASN A 322 14.61 24.53 -33.11
C ASN A 322 13.92 23.19 -33.36
N LEU A 323 14.09 22.64 -34.55
CA LEU A 323 13.50 21.35 -34.86
C LEU A 323 14.51 20.25 -35.17
N SER A 324 15.71 20.36 -34.61
CA SER A 324 16.73 19.31 -34.82
C SER A 324 16.36 17.98 -34.18
N ALA A 325 16.85 16.89 -34.78
CA ALA A 325 16.87 15.60 -34.10
C ALA A 325 15.48 15.12 -33.74
N GLY A 326 14.50 15.41 -34.61
CA GLY A 326 13.09 15.09 -34.35
C GLY A 326 12.91 13.60 -34.14
N ALA A 327 13.67 12.82 -34.90
CA ALA A 327 13.55 11.38 -34.88
C ALA A 327 14.03 10.77 -33.54
N ASN A 328 14.69 11.59 -32.74
CA ASN A 328 15.18 11.10 -31.46
C ASN A 328 14.37 11.60 -30.28
N SER A 329 13.09 11.88 -30.51
CA SER A 329 12.20 12.27 -29.44
C SER A 329 11.53 11.06 -28.74
N ILE A 330 11.35 11.19 -27.42
CA ILE A 330 10.55 10.27 -26.62
C ILE A 330 9.39 11.07 -25.97
N MET A 331 8.20 10.49 -25.88
CA MET A 331 7.18 11.00 -24.96
C MET A 331 7.47 10.41 -23.57
N ARG A 332 7.39 11.25 -22.55
CA ARG A 332 7.73 10.87 -21.17
C ARG A 332 6.52 10.79 -20.28
N SER A 333 6.34 9.64 -19.66
CA SER A 333 5.16 9.44 -18.87
C SER A 333 5.49 9.00 -17.45
N GLY A 334 6.64 9.42 -16.95
CA GLY A 334 7.14 8.84 -15.71
C GLY A 334 6.49 9.46 -14.51
N ILE A 335 6.74 8.88 -13.33
CA ILE A 335 6.12 9.33 -12.10
C ILE A 335 6.95 8.85 -10.89
N PRO A 336 7.07 9.71 -9.87
CA PRO A 336 8.00 9.42 -8.77
C PRO A 336 7.52 8.21 -7.97
N TYR A 337 8.42 7.53 -7.26
CA TYR A 337 7.95 6.50 -6.32
C TYR A 337 8.70 6.57 -5.00
N GLY A 338 8.22 5.85 -3.98
CA GLY A 338 8.83 5.88 -2.63
C GLY A 338 8.39 7.02 -1.73
N PRO A 339 8.84 7.00 -0.47
CA PRO A 339 8.49 8.05 0.49
C PRO A 339 9.28 9.36 0.23
N GLU A 340 8.74 10.49 0.67
CA GLU A 340 9.55 11.71 0.88
C GLU A 340 10.81 11.44 1.76
N VAL A 341 11.83 12.29 1.61
CA VAL A 341 13.04 12.16 2.38
C VAL A 341 12.64 12.28 3.85
N THR A 342 13.15 11.41 4.68
CA THR A 342 12.85 11.55 6.11
C THR A 342 13.90 12.33 6.85
N SER A 343 13.55 12.70 8.08
CA SER A 343 14.38 13.53 8.90
C SER A 343 15.71 12.88 9.13
N ALA A 344 15.67 11.59 9.44
CA ALA A 344 16.93 10.89 9.68
C ALA A 344 17.86 10.77 8.46
N GLU A 345 17.33 10.49 7.27
CA GLU A 345 18.16 10.52 6.04
C GLU A 345 18.75 11.91 5.77
N SER A 346 17.96 12.96 5.95
CA SER A 346 18.44 14.30 5.72
C SER A 346 19.63 14.56 6.65
N ALA A 347 19.48 14.15 7.90
CA ALA A 347 20.46 14.44 8.93
C ALA A 347 21.79 13.75 8.64
N SER A 348 21.73 12.47 8.26
CA SER A 348 22.92 11.66 8.02
C SER A 348 23.48 11.85 6.59
N ASN A 349 22.73 12.59 5.77
CA ASN A 349 23.03 12.71 4.34
C ASN A 349 23.14 11.37 3.66
N THR A 350 22.32 10.41 4.06
CA THR A 350 22.48 9.05 3.60
C THR A 350 21.08 8.53 3.38
N THR A 351 20.91 7.79 2.29
CA THR A 351 19.63 7.19 1.93
C THR A 351 19.47 5.85 2.62
N THR A 352 18.27 5.59 3.14
CA THR A 352 18.00 4.24 3.61
C THR A 352 16.70 3.70 3.05
N GLN A 353 15.80 4.59 2.63
CA GLN A 353 14.51 4.16 2.07
C GLN A 353 14.53 4.35 0.55
N GLU A 354 14.14 3.33 -0.21
CA GLU A 354 14.28 3.45 -1.67
C GLU A 354 13.23 4.37 -2.27
N ARG A 355 13.68 5.41 -2.95
CA ARG A 355 12.74 6.30 -3.64
C ARG A 355 13.35 6.64 -5.03
N GLY A 356 12.53 7.09 -5.96
CA GLY A 356 13.07 7.65 -7.19
C GLY A 356 12.01 7.90 -8.25
N LEU A 357 12.30 7.49 -9.48
CA LEU A 357 11.39 7.73 -10.61
C LEU A 357 11.07 6.41 -11.28
N ALA A 358 9.80 6.17 -11.50
CA ALA A 358 9.45 5.05 -12.34
C ALA A 358 9.36 5.63 -13.77
N PHE A 359 10.41 5.39 -14.53
CA PHE A 359 10.67 6.19 -15.71
C PHE A 359 10.01 5.42 -16.82
N VAL A 360 9.16 6.12 -17.57
CA VAL A 360 8.45 5.52 -18.71
C VAL A 360 8.69 6.41 -19.94
N ALA A 361 9.16 5.82 -21.05
CA ALA A 361 9.30 6.56 -22.31
C ALA A 361 8.58 5.83 -23.43
N TYR A 362 7.89 6.59 -24.29
CA TYR A 362 7.28 6.00 -25.47
C TYR A 362 7.99 6.46 -26.73
N GLN A 363 8.03 5.56 -27.71
CA GLN A 363 8.68 5.79 -29.00
C GLN A 363 8.34 4.60 -29.88
N ALA A 364 8.36 4.83 -31.19
CA ALA A 364 8.10 3.82 -32.21
C ALA A 364 9.33 2.94 -32.50
N GLN A 365 10.52 3.50 -32.36
CA GLN A 365 11.72 2.68 -32.45
C GLN A 365 12.55 2.84 -31.19
N LEU A 366 12.75 1.74 -30.47
CA LEU A 366 13.60 1.80 -29.27
C LEU A 366 15.02 2.29 -29.57
N SER A 367 15.48 2.05 -30.80
CA SER A 367 16.85 2.36 -31.20
C SER A 367 17.06 3.85 -31.41
N GLN A 368 15.96 4.60 -31.53
CA GLN A 368 16.04 6.04 -31.80
C GLN A 368 15.63 6.87 -30.59
N GLY A 369 14.94 6.24 -29.64
CA GLY A 369 14.49 6.93 -28.46
C GLY A 369 15.33 6.64 -27.24
N PHE A 370 14.71 6.00 -26.25
CA PHE A 370 15.35 5.85 -24.92
C PHE A 370 16.80 5.36 -25.04
N HIS A 371 16.98 4.28 -25.79
CA HIS A 371 18.28 3.64 -25.93
C HIS A 371 19.31 4.58 -26.56
N PHE A 372 18.91 5.21 -27.67
CA PHE A 372 19.78 6.21 -28.30
C PHE A 372 20.15 7.33 -27.31
N LEU A 373 19.17 8.01 -26.74
CA LEU A 373 19.47 9.12 -25.82
C LEU A 373 20.45 8.70 -24.72
N GLN A 374 20.29 7.49 -24.23
CA GLN A 374 21.01 7.10 -23.04
C GLN A 374 22.49 6.82 -23.40
N GLN A 375 22.70 6.03 -24.45
CA GLN A 375 24.05 5.61 -24.83
C GLN A 375 24.78 6.56 -25.77
N THR A 376 24.12 7.00 -26.84
CA THR A 376 24.80 7.85 -27.82
C THR A 376 24.97 9.27 -27.27
N TRP A 377 24.02 9.75 -26.47
CA TRP A 377 24.09 11.14 -25.97
C TRP A 377 24.53 11.26 -24.51
N ALA A 378 23.75 10.69 -23.61
CA ALA A 378 24.02 10.82 -22.17
C ALA A 378 25.37 10.24 -21.75
N ASP A 379 25.71 9.10 -22.34
CA ASP A 379 26.86 8.32 -21.87
C ASP A 379 28.12 8.64 -22.67
N ASN A 380 28.01 9.61 -23.57
CA ASN A 380 29.07 9.90 -24.52
C ASN A 380 29.74 11.23 -24.15
N ALA A 381 31.00 11.17 -23.71
CA ALA A 381 31.70 12.35 -23.22
C ALA A 381 32.10 13.34 -24.30
N ASN A 382 31.93 12.95 -25.56
CA ASN A 382 32.13 13.82 -26.73
C ASN A 382 30.79 14.33 -27.29
N PHE A 383 29.74 14.34 -26.48
CA PHE A 383 28.44 14.80 -26.96
C PHE A 383 27.85 15.90 -26.06
N PRO A 384 27.38 16.99 -26.66
CA PRO A 384 27.29 17.26 -28.10
C PRO A 384 28.66 17.42 -28.79
N PRO A 385 28.71 17.20 -30.14
CA PRO A 385 29.93 17.32 -30.94
C PRO A 385 30.38 18.76 -31.25
N GLY A 386 31.64 18.93 -31.60
CA GLY A 386 32.18 20.24 -32.04
C GLY A 386 32.19 21.34 -30.98
N LYS A 387 32.27 20.95 -29.71
CA LYS A 387 32.42 21.91 -28.63
C LYS A 387 33.90 22.12 -28.26
N THR A 388 34.16 23.23 -27.60
CA THR A 388 35.48 23.47 -27.04
C THR A 388 35.27 23.93 -25.61
N PRO A 389 35.83 23.20 -24.65
CA PRO A 389 36.57 21.95 -24.90
C PRO A 389 35.74 20.83 -25.51
N ALA A 390 36.41 19.85 -26.11
CA ALA A 390 35.72 18.75 -26.79
C ALA A 390 35.07 17.78 -25.80
N THR A 391 35.69 17.67 -24.63
CA THR A 391 35.21 16.77 -23.60
C THR A 391 34.16 17.42 -22.75
N VAL A 392 32.91 17.21 -23.18
CA VAL A 392 31.73 17.66 -22.46
C VAL A 392 31.55 16.90 -21.14
N GLY A 393 32.00 15.66 -21.11
CA GLY A 393 31.71 14.77 -19.98
C GLY A 393 30.34 14.13 -20.15
N LEU A 394 29.93 13.44 -19.09
CA LEU A 394 28.65 12.75 -19.02
C LEU A 394 27.50 13.63 -18.46
N ASP A 395 26.26 13.23 -18.78
CA ASP A 395 25.05 13.72 -18.12
C ASP A 395 25.16 13.50 -16.62
N PRO A 396 25.15 14.59 -15.82
CA PRO A 396 25.36 14.44 -14.38
C PRO A 396 24.22 13.67 -13.72
N ILE A 397 23.10 13.58 -14.43
CA ILE A 397 21.91 12.95 -13.88
C ILE A 397 21.84 11.49 -14.27
N ILE A 398 21.90 11.19 -15.57
CA ILE A 398 21.72 9.81 -15.99
C ILE A 398 22.94 9.16 -16.60
N GLY A 399 24.01 9.93 -16.80
CA GLY A 399 25.21 9.40 -17.39
C GLY A 399 25.74 8.24 -16.58
N GLN A 400 26.13 7.16 -17.25
CA GLN A 400 26.75 6.01 -16.56
C GLN A 400 28.16 5.64 -17.02
N ASN A 401 28.94 5.10 -16.09
CA ASN A 401 30.34 4.81 -16.35
C ASN A 401 30.74 3.56 -15.59
N ASN A 402 29.89 2.53 -15.62
CA ASN A 402 30.06 1.31 -14.79
C ASN A 402 30.09 1.51 -13.29
N GLY A 403 29.22 2.36 -12.78
CA GLY A 403 29.08 2.52 -11.33
C GLY A 403 30.24 3.28 -10.72
N GLN A 404 31.21 3.63 -11.55
CA GLN A 404 32.21 4.62 -11.22
C GLN A 404 31.74 6.09 -11.37
N PRO A 405 32.44 7.01 -10.68
CA PRO A 405 32.08 8.42 -10.71
C PRO A 405 32.11 8.90 -12.14
N ARG A 406 31.19 9.79 -12.50
CA ARG A 406 31.17 10.35 -13.85
C ARG A 406 31.94 11.66 -13.86
N VAL A 407 32.78 11.84 -14.89
CA VAL A 407 33.49 13.10 -15.07
C VAL A 407 32.64 14.03 -15.93
N VAL A 408 32.28 15.18 -15.36
CA VAL A 408 31.46 16.13 -16.10
C VAL A 408 31.99 17.54 -16.09
N ASN A 409 32.22 18.04 -17.30
CA ASN A 409 32.79 19.37 -17.46
C ASN A 409 31.72 20.44 -17.72
N GLY A 410 32.10 21.71 -17.60
CA GLY A 410 31.18 22.80 -17.95
C GLY A 410 30.31 23.33 -16.83
N LEU A 411 30.27 22.64 -15.70
CA LEU A 411 29.25 22.92 -14.68
C LEU A 411 29.48 24.25 -13.98
N LEU A 412 30.76 24.62 -13.83
CA LEU A 412 31.13 25.79 -13.00
C LEU A 412 31.34 26.99 -13.90
N PRO A 413 30.58 28.07 -13.69
CA PRO A 413 30.49 29.11 -14.72
C PRO A 413 31.79 29.90 -14.86
N SER A 414 32.60 29.94 -13.81
CA SER A 414 33.83 30.73 -13.86
C SER A 414 34.96 30.05 -14.66
N ASN A 415 34.82 28.75 -14.94
CA ASN A 415 35.90 28.02 -15.65
C ASN A 415 35.37 26.76 -16.34
N SER A 416 35.13 26.87 -17.65
CA SER A 416 34.39 25.82 -18.34
C SER A 416 35.22 24.56 -18.55
N SER A 417 36.52 24.69 -18.37
CA SER A 417 37.36 23.50 -18.48
C SER A 417 37.43 22.69 -17.19
N ALA A 418 36.91 23.24 -16.09
CA ALA A 418 36.99 22.57 -14.79
C ALA A 418 36.08 21.35 -14.69
N SER A 419 36.65 20.25 -14.23
CA SER A 419 36.01 18.94 -14.18
C SER A 419 35.49 18.74 -12.76
N LEU A 420 34.33 18.11 -12.61
CA LEU A 420 33.93 17.48 -11.36
C LEU A 420 33.75 16.00 -11.57
N SER A 421 34.11 15.25 -10.54
CA SER A 421 33.90 13.83 -10.60
C SER A 421 32.78 13.51 -9.66
N ILE A 422 31.72 12.89 -10.20
CA ILE A 422 30.42 12.98 -9.56
C ILE A 422 29.91 11.59 -9.33
N PRO A 423 29.64 11.26 -8.07
CA PRO A 423 29.19 9.90 -7.84
C PRO A 423 27.86 9.76 -8.55
N GLN A 424 27.41 8.52 -8.77
CA GLN A 424 26.11 8.28 -9.32
C GLN A 424 25.06 8.69 -8.30
N PHE A 425 24.08 9.50 -8.68
CA PHE A 425 23.01 9.81 -7.74
C PHE A 425 21.72 9.17 -8.20
N VAL A 426 21.84 8.44 -9.30
CA VAL A 426 20.69 7.73 -9.83
C VAL A 426 21.19 6.36 -10.16
N VAL A 427 20.41 5.35 -9.76
CA VAL A 427 20.83 3.98 -9.74
C VAL A 427 19.73 3.19 -10.38
N SER A 428 20.03 2.59 -11.54
CA SER A 428 19.05 1.78 -12.22
C SER A 428 18.89 0.45 -11.50
N HIS A 429 17.63 0.10 -11.19
CA HIS A 429 17.28 -1.27 -10.80
C HIS A 429 16.63 -2.05 -11.93
N GLY A 430 16.92 -1.63 -13.15
CA GLY A 430 16.46 -2.36 -14.31
C GLY A 430 15.04 -1.96 -14.70
N GLY A 431 14.62 -2.52 -15.82
CA GLY A 431 13.21 -2.58 -16.19
C GLY A 431 13.10 -3.55 -17.35
N GLU A 432 12.26 -3.19 -18.32
CA GLU A 432 12.02 -4.03 -19.47
C GLU A 432 11.37 -3.20 -20.62
N TYR A 433 11.43 -3.75 -21.84
CA TYR A 433 10.76 -3.16 -23.02
C TYR A 433 9.41 -3.81 -23.30
N PHE A 434 8.40 -2.98 -23.40
CA PHE A 434 7.05 -3.47 -23.64
C PHE A 434 6.50 -2.91 -24.97
N PHE A 435 5.46 -3.56 -25.49
CA PHE A 435 4.72 -3.00 -26.59
C PHE A 435 3.30 -2.73 -26.17
N SER A 436 2.94 -1.45 -26.27
CA SER A 436 1.62 -0.98 -25.87
C SER A 436 0.77 -0.90 -27.16
N PRO A 437 -0.05 -1.93 -27.40
CA PRO A 437 -0.77 -2.15 -28.63
C PRO A 437 -1.97 -1.23 -28.72
N PRO A 438 -2.43 -0.97 -29.94
CA PRO A 438 -3.69 -0.25 -30.10
C PRO A 438 -4.79 -1.09 -29.47
N ILE A 439 -5.86 -0.44 -29.05
CA ILE A 439 -6.83 -1.04 -28.15
C ILE A 439 -7.58 -2.12 -28.92
N SER A 440 -7.79 -1.85 -30.22
CA SER A 440 -8.37 -2.83 -31.14
C SER A 440 -7.63 -4.14 -31.17
N ALA A 441 -6.31 -4.11 -30.99
CA ALA A 441 -5.54 -5.33 -30.96
C ALA A 441 -5.88 -6.18 -29.72
N ILE A 442 -6.38 -5.52 -28.68
CA ILE A 442 -6.32 -6.12 -27.35
C ILE A 442 -7.44 -7.15 -27.27
N GLY A 443 -8.63 -6.73 -27.69
CA GLY A 443 -9.74 -7.66 -27.89
C GLY A 443 -9.75 -8.30 -29.27
N GLY A 444 -8.87 -7.85 -30.16
CA GLY A 444 -8.70 -8.43 -31.49
C GLY A 444 -7.63 -9.51 -31.53
N ARG A 445 -6.49 -9.22 -32.16
CA ARG A 445 -5.51 -10.27 -32.42
C ARG A 445 -4.99 -10.92 -31.12
N LEU A 446 -4.71 -10.11 -30.10
CA LEU A 446 -4.04 -10.61 -28.90
C LEU A 446 -4.91 -11.59 -28.12
N SER A 447 -6.21 -11.37 -28.14
CA SER A 447 -7.11 -12.22 -27.39
C SER A 447 -7.72 -13.24 -28.31
N ALA A 448 -7.27 -13.24 -29.56
CA ALA A 448 -8.01 -13.91 -30.62
C ALA A 448 -7.07 -14.78 -31.43
N ALA B 1 -1.06 2.18 42.94
CA ALA B 1 -2.15 2.90 43.66
C ALA B 1 -3.12 3.59 42.69
N THR B 2 -4.40 3.59 43.05
CA THR B 2 -5.35 4.67 42.74
C THR B 2 -6.24 4.40 41.53
N SER B 3 -6.82 5.48 40.98
CA SER B 3 -7.61 5.37 39.76
C SER B 3 -6.71 5.35 38.53
N LEU B 4 -7.32 5.38 37.35
CA LEU B 4 -6.60 5.18 36.11
C LEU B 4 -5.86 6.43 35.67
N ASN B 5 -4.53 6.35 35.60
CA ASN B 5 -3.79 7.33 34.84
C ASN B 5 -3.86 7.06 33.33
N THR B 6 -4.88 7.63 32.69
CA THR B 6 -5.18 7.38 31.29
C THR B 6 -4.16 8.03 30.40
N ASP B 7 -3.46 9.01 30.93
CA ASP B 7 -2.40 9.69 30.21
C ASP B 7 -1.17 8.79 30.01
N ASP B 8 -1.10 7.70 30.77
CA ASP B 8 0.02 6.76 30.69
C ASP B 8 -0.34 5.43 30.01
N ILE B 9 -1.59 5.29 29.58
CA ILE B 9 -2.04 4.04 28.97
C ILE B 9 -2.23 4.25 27.47
N GLN B 10 -1.73 3.33 26.68
CA GLN B 10 -1.74 3.50 25.23
C GLN B 10 -3.14 3.45 24.71
N GLY B 11 -3.45 4.34 23.76
CA GLY B 11 -4.84 4.60 23.37
C GLY B 11 -5.62 3.39 22.89
N ASP B 12 -4.96 2.45 22.21
CA ASP B 12 -5.71 1.40 21.53
C ASP B 12 -6.30 0.42 22.53
N ILE B 13 -5.73 0.39 23.74
CA ILE B 13 -6.19 -0.57 24.74
C ILE B 13 -7.62 -0.28 25.18
N LEU B 14 -7.90 1.00 25.47
CA LEU B 14 -9.18 1.38 26.08
C LEU B 14 -10.14 2.13 25.16
N VAL B 15 -9.66 2.64 24.04
CA VAL B 15 -10.50 3.50 23.21
C VAL B 15 -10.35 3.24 21.72
N GLY B 16 -9.44 2.34 21.36
CA GLY B 16 -9.14 2.09 19.96
C GLY B 16 -8.44 3.28 19.33
N MET B 17 -8.20 3.20 18.03
CA MET B 17 -7.35 4.16 17.34
C MET B 17 -8.13 5.34 16.73
N HIS B 18 -9.39 5.13 16.37
CA HIS B 18 -10.21 6.18 15.75
C HIS B 18 -9.67 6.69 14.41
N LYS B 19 -9.20 5.78 13.56
CA LYS B 19 -8.68 6.15 12.24
C LYS B 19 -9.21 5.19 11.18
N GLN B 20 -9.18 5.59 9.91
CA GLN B 20 -9.68 4.76 8.83
C GLN B 20 -8.79 3.55 8.58
N LYS B 21 -7.48 3.78 8.64
CA LYS B 21 -6.50 2.80 8.20
C LYS B 21 -5.58 2.44 9.35
N GLN B 22 -5.24 1.17 9.46
CA GLN B 22 -4.18 0.74 10.39
C GLN B 22 -3.10 -0.06 9.69
N LEU B 23 -1.92 -0.05 10.26
CA LEU B 23 -0.85 -0.91 9.81
C LEU B 23 -0.32 -1.67 11.00
N PHE B 24 -0.16 -2.99 10.85
CA PHE B 24 0.47 -3.80 11.87
C PHE B 24 1.84 -4.18 11.38
N TYR B 25 2.87 -3.62 11.99
CA TYR B 25 4.22 -3.76 11.51
C TYR B 25 5.04 -4.60 12.50
N PHE B 26 5.31 -5.84 12.15
CA PHE B 26 5.88 -6.78 13.12
C PHE B 26 7.38 -6.86 12.95
N PHE B 27 8.12 -6.73 14.04
CA PHE B 27 9.55 -6.47 13.92
C PHE B 27 10.46 -7.35 14.81
N ALA B 28 11.74 -7.40 14.44
CA ALA B 28 12.79 -7.98 15.27
C ALA B 28 13.78 -6.89 15.66
N ILE B 29 14.41 -7.05 16.82
CA ILE B 29 15.40 -6.10 17.30
C ILE B 29 16.78 -6.71 17.08
N ASN B 30 17.67 -5.96 16.46
CA ASN B 30 18.99 -6.51 16.08
C ASN B 30 20.14 -6.02 16.95
N ASP B 31 20.03 -4.80 17.45
CA ASP B 31 21.07 -4.22 18.32
C ASP B 31 20.36 -3.46 19.45
N PRO B 32 20.27 -4.10 20.64
CA PRO B 32 19.50 -3.54 21.75
C PRO B 32 19.85 -2.10 22.14
N ALA B 33 21.13 -1.79 22.26
CA ALA B 33 21.53 -0.45 22.70
C ALA B 33 21.06 0.63 21.73
N THR B 34 21.35 0.41 20.45
CA THR B 34 20.90 1.34 19.40
C THR B 34 19.39 1.48 19.42
N PHE B 35 18.70 0.34 19.46
CA PHE B 35 17.24 0.29 19.53
C PHE B 35 16.69 1.06 20.71
N LYS B 36 17.18 0.75 21.91
CA LYS B 36 16.77 1.46 23.12
C LYS B 36 16.92 2.98 23.00
N THR B 37 18.07 3.45 22.54
CA THR B 37 18.18 4.89 22.38
C THR B 37 17.02 5.47 21.55
N PHE B 38 16.70 4.86 20.41
CA PHE B 38 15.65 5.43 19.59
C PHE B 38 14.27 5.21 20.20
N LEU B 39 14.13 4.11 20.94
CA LEU B 39 12.84 3.83 21.55
C LEU B 39 12.45 5.00 22.46
N ALA B 40 13.46 5.49 23.20
CA ALA B 40 13.23 6.49 24.23
C ALA B 40 13.20 7.84 23.54
N SER B 41 14.06 7.99 22.56
CA SER B 41 14.28 9.33 22.01
C SER B 41 13.25 9.67 20.93
N ASP B 42 12.79 8.65 20.21
CA ASP B 42 11.92 8.90 19.04
C ASP B 42 10.54 8.24 19.08
N ILE B 43 10.39 7.14 19.82
CA ILE B 43 9.10 6.46 19.85
C ILE B 43 8.30 7.01 21.03
N ALA B 44 8.90 6.92 22.21
CA ALA B 44 8.23 7.32 23.42
C ALA B 44 7.42 8.62 23.24
N PRO B 45 8.06 9.72 22.85
CA PRO B 45 7.35 11.02 22.77
C PRO B 45 6.08 11.04 21.86
N VAL B 46 5.89 10.07 20.97
CA VAL B 46 4.77 10.13 20.04
C VAL B 46 3.80 8.96 20.16
N VAL B 47 3.91 8.19 21.25
CA VAL B 47 2.95 7.12 21.48
C VAL B 47 1.65 7.77 21.98
N ALA B 48 0.51 7.40 21.40
CA ALA B 48 -0.77 8.01 21.75
C ALA B 48 -1.43 7.39 22.97
N SER B 49 -1.80 8.26 23.92
CA SER B 49 -2.39 7.85 25.17
C SER B 49 -3.90 7.68 25.06
N VAL B 50 -4.49 7.14 26.12
CA VAL B 50 -5.92 7.06 26.23
C VAL B 50 -6.53 8.46 26.36
N THR B 51 -5.81 9.38 26.98
CA THR B 51 -6.28 10.76 27.12
C THR B 51 -6.27 11.48 25.79
N GLN B 52 -5.22 11.24 25.01
CA GLN B 52 -5.02 11.84 23.68
C GLN B 52 -6.17 11.46 22.74
N LEU B 53 -6.55 10.19 22.76
CA LEU B 53 -7.47 9.65 21.75
C LEU B 53 -8.91 9.76 22.24
N SER B 54 -9.07 9.91 23.54
CA SER B 54 -10.38 10.06 24.17
C SER B 54 -11.15 11.27 23.64
N ASN B 55 -10.42 12.32 23.28
CA ASN B 55 -11.03 13.56 22.83
C ASN B 55 -10.55 13.96 21.43
N VAL B 56 -11.47 14.01 20.46
CA VAL B 56 -11.14 14.33 19.07
C VAL B 56 -10.31 15.58 18.90
N ALA B 57 -10.42 16.51 19.85
CA ALA B 57 -9.64 17.73 19.79
C ALA B 57 -8.13 17.46 19.84
N THR B 58 -7.74 16.39 20.53
CA THR B 58 -6.32 16.08 20.70
C THR B 58 -5.77 14.95 19.82
N GLN B 59 -6.65 14.27 19.09
CA GLN B 59 -6.21 13.17 18.21
C GLN B 59 -5.07 13.57 17.26
N PRO B 60 -3.99 12.78 17.22
CA PRO B 60 -2.87 13.04 16.32
C PRO B 60 -3.16 12.60 14.88
N LEU B 61 -2.67 13.39 13.94
CA LEU B 61 -2.28 12.98 12.59
C LEU B 61 -2.18 11.47 12.40
N VAL B 62 -1.06 10.90 12.85
CA VAL B 62 -0.90 9.45 12.90
C VAL B 62 -0.79 9.00 14.37
N ALA B 63 -1.63 8.06 14.75
CA ALA B 63 -1.59 7.44 16.09
C ALA B 63 -0.59 6.30 16.04
N LEU B 64 0.32 6.25 17.03
CA LEU B 64 1.22 5.12 17.15
C LEU B 64 1.10 4.44 18.51
N ASN B 65 1.01 3.10 18.48
CA ASN B 65 1.11 2.29 19.68
C ASN B 65 2.20 1.23 19.44
N ILE B 66 2.76 0.68 20.51
CA ILE B 66 3.79 -0.32 20.31
C ILE B 66 3.65 -1.36 21.42
N ALA B 67 3.87 -2.63 21.10
CA ALA B 67 3.79 -3.72 22.07
C ALA B 67 4.96 -4.71 21.87
N PHE B 68 5.29 -5.48 22.87
CA PHE B 68 6.46 -6.37 22.76
C PHE B 68 6.11 -7.80 23.08
N SER B 69 6.75 -8.72 22.38
CA SER B 69 6.65 -10.11 22.75
C SER B 69 7.62 -10.42 23.91
N ASN B 70 7.46 -11.60 24.48
CA ASN B 70 8.37 -12.14 25.49
C ASN B 70 9.79 -12.20 24.98
N THR B 71 9.96 -12.62 23.71
CA THR B 71 11.29 -12.63 23.11
C THR B 71 11.83 -11.21 22.91
N GLY B 72 10.93 -10.28 22.59
CA GLY B 72 11.33 -8.89 22.47
C GLY B 72 11.81 -8.31 23.79
N LEU B 73 11.11 -8.63 24.86
CA LEU B 73 11.49 -8.11 26.19
C LEU B 73 12.81 -8.75 26.62
N LEU B 74 13.02 -10.02 26.27
CA LEU B 74 14.35 -10.63 26.52
C LEU B 74 15.51 -10.02 25.76
N ALA B 75 15.28 -9.65 24.49
CA ALA B 75 16.29 -8.96 23.69
C ALA B 75 16.72 -7.61 24.27
N LEU B 76 15.80 -6.94 24.94
CA LEU B 76 16.01 -5.62 25.52
C LEU B 76 16.64 -5.76 26.92
N GLY B 77 16.91 -7.00 27.32
CA GLY B 77 17.45 -7.27 28.65
C GLY B 77 16.41 -7.27 29.74
N VAL B 78 15.13 -7.32 29.39
CA VAL B 78 14.11 -7.24 30.43
C VAL B 78 13.67 -8.63 30.88
N THR B 79 14.22 -9.08 32.01
CA THR B 79 14.01 -10.46 32.46
C THR B 79 12.90 -10.59 33.53
N ASP B 80 12.36 -9.45 33.97
CA ASP B 80 11.24 -9.45 34.91
C ASP B 80 10.17 -10.46 34.47
N ASN B 81 9.62 -11.19 35.44
CA ASN B 81 8.42 -12.01 35.26
C ASN B 81 7.14 -11.14 35.17
N LEU B 82 6.44 -11.14 34.03
CA LEU B 82 5.23 -10.30 33.91
C LEU B 82 4.01 -11.01 34.48
N GLY B 83 4.20 -12.25 34.92
CA GLY B 83 3.16 -12.97 35.65
C GLY B 83 2.17 -13.70 34.74
N ASP B 84 2.53 -13.83 33.48
CA ASP B 84 1.62 -14.46 32.51
C ASP B 84 2.37 -15.56 31.75
N SER B 85 2.03 -16.82 32.02
CA SER B 85 2.79 -17.91 31.44
C SER B 85 2.40 -18.12 29.99
N LEU B 86 1.18 -17.73 29.64
CA LEU B 86 0.81 -17.78 28.23
C LEU B 86 1.64 -16.80 27.40
N PHE B 87 1.77 -15.57 27.88
CA PHE B 87 2.57 -14.55 27.20
C PHE B 87 3.99 -15.07 26.99
N ALA B 88 4.48 -15.78 27.99
CA ALA B 88 5.89 -16.01 28.09
C ALA B 88 6.27 -17.15 27.15
N ASN B 89 5.29 -17.97 26.79
CA ASN B 89 5.57 -19.04 25.86
C ASN B 89 5.21 -18.72 24.40
N GLY B 90 4.42 -17.66 24.18
CA GLY B 90 4.05 -17.23 22.81
C GLY B 90 2.84 -17.97 22.24
N GLN B 91 2.15 -17.38 21.26
CA GLN B 91 0.94 -18.00 20.69
C GLN B 91 1.15 -19.37 19.96
N ALA B 92 2.28 -19.55 19.29
CA ALA B 92 2.53 -20.78 18.54
C ALA B 92 2.52 -22.00 19.45
N LYS B 93 3.25 -21.93 20.56
CA LYS B 93 3.25 -22.96 21.59
C LYS B 93 1.84 -23.25 22.14
N ASP B 94 1.00 -22.23 22.18
CA ASP B 94 -0.36 -22.31 22.76
C ASP B 94 -1.39 -22.79 21.72
N ALA B 95 -1.04 -22.68 20.45
CA ALA B 95 -2.00 -22.85 19.36
C ALA B 95 -2.29 -24.32 19.05
N THR B 96 -1.71 -25.21 19.84
CA THR B 96 -2.16 -26.60 19.88
C THR B 96 -3.45 -26.64 20.68
N SER B 97 -3.42 -26.02 21.86
CA SER B 97 -4.58 -25.99 22.76
C SER B 97 -5.86 -25.42 22.12
N PHE B 98 -5.73 -24.78 20.96
CA PHE B 98 -6.89 -24.16 20.30
C PHE B 98 -7.47 -25.02 19.18
N LYS B 99 -6.96 -26.24 19.01
CA LYS B 99 -7.40 -27.14 17.95
C LYS B 99 -7.07 -26.61 16.55
N GLU B 100 -5.85 -26.11 16.39
CA GLU B 100 -5.34 -25.76 15.08
C GLU B 100 -3.85 -26.13 14.98
N SER B 101 -3.33 -26.14 13.76
CA SER B 101 -1.91 -26.39 13.56
C SER B 101 -1.20 -25.16 13.00
N THR B 102 -0.10 -24.77 13.66
CA THR B 102 0.65 -23.59 13.21
C THR B 102 1.17 -23.74 11.79
N SER B 103 0.91 -24.91 11.18
CA SER B 103 1.62 -25.29 9.96
C SER B 103 1.07 -24.55 8.74
N SER B 104 -0.03 -23.82 8.91
CA SER B 104 -0.61 -23.06 7.83
C SER B 104 -0.60 -21.58 8.18
N TRP B 105 0.22 -21.25 9.18
CA TRP B 105 0.39 -19.87 9.61
C TRP B 105 1.32 -19.11 8.68
N VAL B 106 1.11 -17.81 8.52
CA VAL B 106 2.22 -16.89 8.27
C VAL B 106 3.43 -17.39 9.05
N PRO B 107 4.46 -17.83 8.32
CA PRO B 107 5.55 -18.55 8.96
C PRO B 107 6.23 -17.75 10.09
N GLN B 108 6.17 -16.43 10.00
CA GLN B 108 6.82 -15.60 11.01
C GLN B 108 6.05 -15.62 12.34
N PHE B 109 4.77 -15.98 12.28
CA PHE B 109 3.95 -16.13 13.47
C PHE B 109 4.21 -17.51 14.11
N ALA B 110 4.84 -18.39 13.34
CA ALA B 110 4.96 -19.79 13.71
C ALA B 110 6.32 -20.04 14.36
N GLY B 111 6.79 -19.06 15.12
CA GLY B 111 7.86 -19.26 16.08
C GLY B 111 7.81 -18.14 17.10
N THR B 112 8.97 -17.73 17.58
CA THR B 112 9.05 -16.60 18.49
C THR B 112 10.07 -15.60 17.97
N GLY B 113 10.10 -15.39 16.65
CA GLY B 113 11.06 -14.48 16.05
C GLY B 113 10.62 -13.03 16.11
N ILE B 114 9.32 -12.81 16.11
CA ILE B 114 8.81 -11.45 16.21
C ILE B 114 9.03 -10.93 17.63
N HIS B 115 9.71 -9.81 17.73
CA HIS B 115 10.00 -9.17 19.01
C HIS B 115 8.96 -8.12 19.45
N GLY B 116 8.13 -7.65 18.52
CA GLY B 116 7.17 -6.63 18.87
C GLY B 116 6.33 -6.19 17.70
N VAL B 117 5.36 -5.32 17.96
CA VAL B 117 4.49 -4.84 16.90
C VAL B 117 4.28 -3.36 17.04
N ILE B 118 4.44 -2.66 15.94
CA ILE B 118 4.16 -1.25 15.92
C ILE B 118 2.82 -1.09 15.23
N ILE B 119 1.87 -0.46 15.91
CA ILE B 119 0.57 -0.20 15.29
C ILE B 119 0.49 1.26 14.90
N LEU B 120 0.32 1.50 13.59
CA LEU B 120 0.13 2.84 13.05
C LEU B 120 -1.27 3.03 12.51
N ALA B 121 -1.91 4.11 12.90
CA ALA B 121 -3.26 4.35 12.43
C ALA B 121 -3.34 5.75 11.88
N SER B 122 -4.01 5.90 10.74
CA SER B 122 -4.35 7.22 10.26
C SER B 122 -5.51 7.20 9.29
N ASP B 123 -5.96 8.39 8.94
CA ASP B 123 -7.09 8.48 8.04
C ASP B 123 -6.66 8.45 6.58
N THR B 124 -5.35 8.40 6.33
CA THR B 124 -4.85 7.99 5.00
C THR B 124 -3.70 7.00 5.05
N THR B 125 -3.53 6.21 3.98
CA THR B 125 -2.39 5.30 3.89
C THR B 125 -1.06 5.99 3.56
N ASP B 126 -1.12 7.11 2.84
CA ASP B 126 0.09 7.91 2.59
C ASP B 126 0.74 8.32 3.90
N LEU B 127 -0.02 8.93 4.79
CA LEU B 127 0.53 9.28 6.08
C LEU B 127 1.17 8.09 6.80
N ILE B 128 0.55 6.92 6.70
CA ILE B 128 1.06 5.74 7.37
C ILE B 128 2.42 5.37 6.79
N ASP B 129 2.51 5.31 5.45
CA ASP B 129 3.73 4.88 4.80
C ASP B 129 4.91 5.82 5.00
N GLN B 130 4.62 7.12 5.09
CA GLN B 130 5.69 8.08 5.36
C GLN B 130 6.17 7.88 6.80
N GLN B 131 5.28 7.41 7.66
CA GLN B 131 5.62 7.20 9.06
C GLN B 131 6.45 5.93 9.21
N VAL B 132 6.14 4.92 8.42
CA VAL B 132 7.00 3.75 8.35
C VAL B 132 8.43 4.11 7.90
N ALA B 133 8.52 4.92 6.85
CA ALA B 133 9.80 5.27 6.24
C ALA B 133 10.65 5.91 7.32
N SER B 134 9.99 6.78 8.06
CA SER B 134 10.64 7.62 9.02
C SER B 134 11.14 6.85 10.25
N ILE B 135 10.40 5.82 10.65
CA ILE B 135 10.77 4.90 11.73
C ILE B 135 11.88 3.95 11.27
N GLU B 136 11.78 3.46 10.03
CA GLU B 136 12.82 2.59 9.47
C GLU B 136 14.18 3.30 9.40
N SER B 137 14.18 4.59 9.05
CA SER B 137 15.43 5.30 8.88
C SER B 137 16.00 5.79 10.22
N THR B 138 15.12 6.17 11.13
CA THR B 138 15.51 6.42 12.51
C THR B 138 16.25 5.21 13.14
N PHE B 139 15.62 4.04 13.12
CA PHE B 139 16.21 2.82 13.70
C PHE B 139 17.34 2.21 12.89
N GLY B 140 17.36 2.50 11.58
CA GLY B 140 18.39 1.93 10.70
C GLY B 140 18.38 0.43 10.87
N SER B 141 19.56 -0.17 10.98
CA SER B 141 19.63 -1.63 11.00
C SER B 141 19.45 -2.21 12.40
N SER B 142 19.00 -1.39 13.36
CA SER B 142 18.67 -1.94 14.68
C SER B 142 17.29 -2.64 14.74
N ILE B 143 16.51 -2.52 13.67
CA ILE B 143 15.28 -3.32 13.54
C ILE B 143 15.21 -4.04 12.20
N SER B 144 14.39 -5.08 12.13
CA SER B 144 14.12 -5.73 10.85
C SER B 144 12.63 -5.97 10.81
N LYS B 145 12.03 -5.63 9.68
CA LYS B 145 10.65 -6.02 9.37
C LYS B 145 10.51 -7.52 9.06
N LEU B 146 9.67 -8.20 9.83
CA LEU B 146 9.49 -9.62 9.58
C LEU B 146 8.20 -9.83 8.82
N TYR B 147 7.24 -8.94 9.04
CA TYR B 147 5.92 -9.12 8.50
C TYR B 147 5.08 -7.90 8.77
N SER B 148 4.03 -7.74 7.98
CA SER B 148 3.22 -6.53 8.04
C SER B 148 1.78 -6.81 7.54
N LEU B 149 0.80 -6.10 8.08
CA LEU B 149 -0.59 -6.26 7.69
C LEU B 149 -1.29 -4.92 7.65
N SER B 150 -1.80 -4.57 6.46
CA SER B 150 -2.56 -3.35 6.28
C SER B 150 -4.02 -3.61 6.49
N ALA B 151 -4.71 -2.66 7.12
CA ALA B 151 -6.10 -2.84 7.51
C ALA B 151 -6.90 -1.57 7.23
N SER B 152 -8.22 -1.69 7.12
CA SER B 152 -9.04 -0.47 7.16
C SER B 152 -10.50 -0.66 7.48
N ILE B 153 -11.15 0.41 7.92
CA ILE B 153 -12.61 0.47 7.92
C ILE B 153 -13.14 0.13 6.53
N ARG B 154 -14.19 -0.68 6.45
CA ARG B 154 -14.84 -0.94 5.18
C ARG B 154 -15.53 0.32 4.62
N PRO B 155 -15.65 0.39 3.29
CA PRO B 155 -16.09 1.59 2.60
C PRO B 155 -17.51 2.02 2.97
N GLY B 156 -17.76 3.33 3.00
CA GLY B 156 -19.10 3.89 2.88
C GLY B 156 -20.11 3.27 3.82
N ASN B 157 -21.14 2.65 3.25
CA ASN B 157 -22.25 2.14 4.05
C ASN B 157 -21.86 1.01 5.02
N GLU B 158 -20.82 0.27 4.68
CA GLU B 158 -20.39 -0.83 5.52
C GLU B 158 -19.35 -0.41 6.57
N ALA B 159 -19.12 0.90 6.70
CA ALA B 159 -18.14 1.37 7.67
C ALA B 159 -18.56 0.96 9.10
N GLY B 160 -17.80 0.08 9.73
CA GLY B 160 -18.12 -0.35 11.10
C GLY B 160 -18.55 -1.80 11.09
N HIS B 161 -18.69 -2.37 9.91
CA HIS B 161 -19.05 -3.78 9.79
C HIS B 161 -17.77 -4.52 9.49
N GLU B 162 -17.71 -5.78 9.88
CA GLU B 162 -16.65 -6.66 9.39
C GLU B 162 -17.05 -7.28 8.06
N MET B 163 -16.19 -8.14 7.55
CA MET B 163 -16.30 -8.66 6.18
C MET B 163 -17.56 -9.51 5.91
N PHE B 164 -18.08 -10.22 6.91
CA PHE B 164 -19.34 -10.96 6.72
C PHE B 164 -20.55 -10.03 6.61
N GLY B 165 -20.41 -8.79 7.04
CA GLY B 165 -21.49 -7.79 6.93
C GLY B 165 -22.06 -7.28 8.24
N PHE B 166 -21.64 -7.86 9.37
CA PHE B 166 -22.26 -7.51 10.64
C PHE B 166 -21.59 -6.33 11.33
N LEU B 167 -22.42 -5.41 11.81
CA LEU B 167 -21.93 -4.24 12.51
C LEU B 167 -21.18 -4.77 13.70
N ASP B 168 -19.98 -4.27 13.92
CA ASP B 168 -19.18 -4.71 15.05
CA ASP B 168 -19.14 -4.72 15.02
C ASP B 168 -18.76 -3.54 15.93
N GLY B 169 -18.16 -3.86 17.07
CA GLY B 169 -17.77 -2.84 18.03
C GLY B 169 -18.92 -2.21 18.78
N ILE B 170 -19.99 -2.97 18.99
CA ILE B 170 -21.05 -2.54 19.91
C ILE B 170 -20.64 -2.75 21.36
N ALA B 171 -20.12 -3.94 21.66
CA ALA B 171 -20.07 -4.44 23.04
C ALA B 171 -18.67 -4.47 23.62
N GLN B 172 -18.35 -3.54 24.52
CA GLN B 172 -17.11 -3.60 25.29
C GLN B 172 -17.45 -3.68 26.78
N PRO B 173 -16.58 -4.28 27.60
CA PRO B 173 -16.71 -4.10 29.04
C PRO B 173 -16.60 -2.63 29.42
N ALA B 174 -17.38 -2.19 30.42
CA ALA B 174 -17.16 -0.88 31.00
C ALA B 174 -16.27 -1.00 32.22
N ILE B 175 -15.29 -0.10 32.30
CA ILE B 175 -14.35 -0.10 33.39
C ILE B 175 -14.85 0.85 34.47
N ASN B 176 -15.01 0.31 35.67
CA ASN B 176 -15.50 1.10 36.81
C ASN B 176 -14.32 1.72 37.56
N GLY B 177 -14.49 2.95 38.04
CA GLY B 177 -15.16 4.01 37.32
C GLY B 177 -14.18 4.65 36.37
N PHE B 178 -14.31 4.34 35.09
CA PHE B 178 -13.63 5.07 34.04
C PHE B 178 -14.64 5.31 32.93
N ASN B 179 -15.45 4.28 32.65
CA ASN B 179 -16.55 4.42 31.72
C ASN B 179 -17.84 4.77 32.47
N THR B 180 -18.71 5.54 31.82
CA THR B 180 -20.11 5.64 32.25
C THR B 180 -20.90 4.61 31.46
N PRO B 181 -21.37 3.54 32.13
CA PRO B 181 -21.97 2.35 31.49
C PRO B 181 -23.20 2.62 30.60
N LEU B 182 -23.21 2.01 29.40
CA LEU B 182 -24.42 1.73 28.62
C LEU B 182 -25.30 0.61 29.23
N PRO B 183 -26.61 0.71 29.01
CA PRO B 183 -27.57 -0.31 29.39
C PRO B 183 -27.21 -1.74 28.97
N GLY B 184 -27.10 -2.62 29.95
CA GLY B 184 -26.82 -4.01 29.71
C GLY B 184 -25.34 -4.29 29.56
N GLN B 185 -24.53 -3.23 29.47
CA GLN B 185 -23.08 -3.38 29.43
C GLN B 185 -22.53 -3.99 30.72
N ASN B 186 -21.79 -5.09 30.61
CA ASN B 186 -21.04 -5.58 31.74
C ASN B 186 -20.10 -4.52 32.32
N ILE B 187 -19.87 -4.59 33.63
CA ILE B 187 -19.13 -3.56 34.33
C ILE B 187 -18.07 -4.25 35.16
N VAL B 188 -16.82 -3.80 35.03
CA VAL B 188 -15.69 -4.60 35.50
C VAL B 188 -14.61 -3.71 36.12
N ASP B 189 -13.88 -4.30 37.07
CA ASP B 189 -12.72 -3.67 37.70
C ASP B 189 -11.61 -3.44 36.66
N ALA B 190 -10.95 -2.30 36.73
CA ALA B 190 -9.91 -1.93 35.78
C ALA B 190 -8.87 -3.04 35.59
N GLY B 191 -8.64 -3.88 36.62
CA GLY B 191 -7.54 -4.83 36.62
C GLY B 191 -7.84 -6.09 35.83
N VAL B 192 -9.04 -6.15 35.25
CA VAL B 192 -9.40 -7.22 34.31
C VAL B 192 -8.77 -6.91 32.94
N ILE B 193 -8.57 -5.62 32.65
CA ILE B 193 -7.98 -5.18 31.39
C ILE B 193 -6.58 -4.61 31.57
N ILE B 194 -6.38 -3.76 32.57
CA ILE B 194 -5.10 -3.09 32.76
C ILE B 194 -4.24 -3.82 33.78
N THR B 195 -3.03 -4.24 33.41
CA THR B 195 -2.15 -4.90 34.40
C THR B 195 -1.78 -4.00 35.58
N GLY B 196 -1.87 -4.55 36.79
CA GLY B 196 -1.54 -3.81 37.99
C GLY B 196 -2.60 -2.82 38.42
N ALA B 197 -3.71 -2.72 37.67
CA ALA B 197 -4.78 -1.80 38.07
C ALA B 197 -5.73 -2.46 39.08
N THR B 198 -6.76 -1.73 39.48
CA THR B 198 -7.65 -2.13 40.57
C THR B 198 -8.10 -3.59 40.53
N ASN B 199 -7.78 -4.31 41.60
CA ASN B 199 -8.17 -5.72 41.80
C ASN B 199 -7.59 -6.75 40.84
N ASP B 200 -6.54 -6.35 40.09
CA ASP B 200 -5.72 -7.34 39.36
C ASP B 200 -4.97 -8.21 40.36
N PRO B 201 -5.27 -9.50 40.40
CA PRO B 201 -4.64 -10.34 41.44
C PRO B 201 -3.12 -10.54 41.25
N ILE B 202 -2.60 -10.34 40.04
CA ILE B 202 -1.26 -10.81 39.70
C ILE B 202 -0.24 -9.72 40.02
N THR B 203 0.74 -10.04 40.86
CA THR B 203 1.87 -9.15 41.04
C THR B 203 2.58 -8.90 39.71
N ARG B 204 2.75 -7.62 39.40
CA ARG B 204 3.53 -7.18 38.24
C ARG B 204 4.78 -6.40 38.68
N PRO B 205 5.78 -6.36 37.82
CA PRO B 205 6.79 -5.28 37.92
C PRO B 205 6.14 -3.89 37.91
N SER B 206 6.68 -2.96 38.70
CA SER B 206 6.08 -1.63 38.81
C SER B 206 6.03 -0.89 37.46
N TRP B 207 7.05 -1.10 36.64
CA TRP B 207 7.06 -0.50 35.30
C TRP B 207 5.93 -0.99 34.38
N ALA B 208 5.39 -2.18 34.66
CA ALA B 208 4.31 -2.75 33.83
C ALA B 208 2.88 -2.32 34.19
N VAL B 209 2.75 -1.63 35.31
CA VAL B 209 1.43 -1.26 35.82
C VAL B 209 0.86 -0.22 34.89
N GLY B 210 -0.30 -0.50 34.31
CA GLY B 210 -0.90 0.45 33.35
C GLY B 210 -0.84 -0.05 31.93
N GLY B 211 -0.34 -1.28 31.76
CA GLY B 211 -0.19 -1.87 30.43
C GLY B 211 -1.29 -2.88 30.17
N SER B 212 -1.19 -3.63 29.07
CA SER B 212 -2.18 -4.67 28.82
C SER B 212 -1.61 -5.78 27.92
N PHE B 213 -2.19 -6.97 27.97
CA PHE B 213 -1.71 -8.02 27.07
C PHE B 213 -2.55 -8.03 25.79
N LEU B 214 -1.85 -8.04 24.66
CA LEU B 214 -2.48 -7.86 23.35
C LEU B 214 -2.49 -9.20 22.62
N ALA B 215 -3.68 -9.81 22.50
CA ALA B 215 -3.79 -11.00 21.70
C ALA B 215 -4.09 -10.59 20.25
N PHE B 216 -3.15 -10.89 19.35
CA PHE B 216 -3.35 -10.60 17.91
C PHE B 216 -3.58 -11.88 17.11
N ARG B 217 -4.55 -11.82 16.20
CA ARG B 217 -4.85 -12.94 15.36
C ARG B 217 -5.17 -12.50 13.94
N GLN B 218 -4.50 -13.05 12.94
CA GLN B 218 -4.90 -12.78 11.56
C GLN B 218 -5.93 -13.84 11.14
N LEU B 219 -7.18 -13.41 11.01
CA LEU B 219 -8.28 -14.36 10.77
C LEU B 219 -8.91 -14.13 9.40
N GLU B 220 -8.54 -14.96 8.44
CA GLU B 220 -9.12 -14.89 7.08
C GLU B 220 -10.59 -15.31 7.19
N GLN B 221 -11.49 -14.55 6.55
CA GLN B 221 -12.91 -14.91 6.43
C GLN B 221 -13.29 -15.33 5.00
N LEU B 222 -14.07 -16.39 4.85
CA LEU B 222 -14.47 -16.84 3.49
C LEU B 222 -15.85 -16.38 3.14
N VAL B 223 -15.96 -15.14 2.66
CA VAL B 223 -17.22 -14.40 2.73
C VAL B 223 -18.26 -14.95 1.73
N PRO B 224 -17.87 -15.07 0.45
CA PRO B 224 -18.73 -15.75 -0.52
C PRO B 224 -19.16 -17.17 -0.08
N GLU B 225 -18.23 -17.99 0.37
CA GLU B 225 -18.60 -19.32 0.88
C GLU B 225 -19.57 -19.25 2.06
N PHE B 226 -19.38 -18.28 2.94
CA PHE B 226 -20.37 -18.01 3.99
C PHE B 226 -21.75 -17.72 3.39
N ASN B 227 -21.87 -16.58 2.72
CA ASN B 227 -23.09 -16.18 2.02
C ASN B 227 -23.84 -17.31 1.31
N LYS B 228 -23.11 -18.15 0.59
CA LYS B 228 -23.71 -19.30 -0.09
C LYS B 228 -24.29 -20.30 0.89
N TYR B 229 -23.55 -20.57 1.97
CA TYR B 229 -23.96 -21.59 2.92
C TYR B 229 -25.27 -21.20 3.60
N LEU B 230 -25.34 -19.94 4.01
CA LEU B 230 -26.60 -19.40 4.49
C LEU B 230 -27.72 -19.78 3.51
N LEU B 231 -27.63 -19.31 2.27
CA LEU B 231 -28.61 -19.66 1.23
C LEU B 231 -28.91 -21.16 1.15
N ASP B 232 -27.89 -22.00 1.23
CA ASP B 232 -28.07 -23.44 1.07
C ASP B 232 -28.75 -24.13 2.26
N ASN B 233 -28.44 -23.69 3.48
CA ASN B 233 -29.13 -24.22 4.66
C ASN B 233 -30.14 -23.31 5.31
N ALA B 234 -30.93 -22.58 4.53
CA ALA B 234 -31.75 -21.50 5.07
C ALA B 234 -33.07 -21.99 5.69
N PRO B 235 -33.35 -21.56 6.94
CA PRO B 235 -34.59 -22.02 7.59
C PRO B 235 -35.78 -21.95 6.66
N ALA B 236 -36.48 -23.07 6.50
CA ALA B 236 -37.86 -23.06 6.04
C ALA B 236 -38.65 -21.95 6.74
N GLY B 237 -39.63 -21.39 6.05
CA GLY B 237 -40.28 -20.15 6.49
C GLY B 237 -40.83 -19.45 5.26
N SER B 238 -41.30 -18.21 5.43
CA SER B 238 -41.75 -17.44 4.27
C SER B 238 -41.46 -15.94 4.33
N GLY B 239 -40.20 -15.59 4.07
CA GLY B 239 -39.88 -14.34 3.39
C GLY B 239 -39.16 -14.66 2.10
N SER B 240 -38.40 -13.70 1.60
CA SER B 240 -37.32 -14.00 0.65
C SER B 240 -36.52 -15.20 1.11
N LEU B 241 -36.09 -16.04 0.18
CA LEU B 241 -35.06 -17.03 0.50
C LEU B 241 -33.88 -16.28 1.09
N GLN B 242 -33.65 -15.09 0.53
CA GLN B 242 -32.67 -14.13 1.03
C GLN B 242 -32.97 -13.71 2.45
N ALA B 243 -34.20 -13.26 2.69
CA ALA B 243 -34.59 -12.75 3.99
C ALA B 243 -34.40 -13.83 5.05
N ARG B 244 -34.44 -15.08 4.62
CA ARG B 244 -34.33 -16.21 5.54
C ARG B 244 -32.88 -16.66 5.67
N ALA B 245 -32.09 -16.38 4.64
CA ALA B 245 -30.65 -16.56 4.74
C ALA B 245 -30.10 -15.62 5.82
N ASP B 246 -30.54 -14.37 5.78
CA ASP B 246 -30.11 -13.40 6.76
C ASP B 246 -30.46 -13.87 8.18
N LEU B 247 -31.73 -14.19 8.42
CA LEU B 247 -32.15 -14.71 9.71
C LEU B 247 -31.16 -15.75 10.22
N LEU B 248 -30.77 -16.67 9.35
CA LEU B 248 -29.84 -17.73 9.74
C LEU B 248 -28.44 -17.20 10.09
N GLY B 249 -27.93 -16.27 9.28
CA GLY B 249 -26.73 -15.52 9.61
C GLY B 249 -26.82 -14.90 10.99
N ALA B 250 -27.86 -14.08 11.21
CA ALA B 250 -28.00 -13.34 12.44
C ALA B 250 -28.02 -14.28 13.63
N ARG B 251 -28.53 -15.50 13.40
CA ARG B 251 -28.75 -16.46 14.47
C ARG B 251 -27.43 -17.12 14.82
N MET B 252 -26.54 -17.18 13.84
CA MET B 252 -25.19 -17.64 14.08
C MET B 252 -24.42 -16.64 14.92
N VAL B 253 -24.58 -15.36 14.57
CA VAL B 253 -23.81 -14.29 15.20
C VAL B 253 -24.46 -13.94 16.54
N GLY B 254 -25.76 -13.65 16.50
CA GLY B 254 -26.53 -13.32 17.71
C GLY B 254 -26.95 -11.88 17.67
N ARG B 255 -26.62 -11.24 16.55
CA ARG B 255 -27.02 -9.87 16.22
C ARG B 255 -27.43 -9.90 14.75
N TRP B 256 -28.29 -8.97 14.36
CA TRP B 256 -28.57 -8.74 12.95
C TRP B 256 -27.42 -7.94 12.35
N LYS B 257 -27.31 -7.96 11.03
CA LYS B 257 -26.23 -7.26 10.36
C LYS B 257 -26.29 -5.82 10.77
N SER B 258 -27.49 -5.37 11.14
CA SER B 258 -27.67 -4.00 11.57
C SER B 258 -27.14 -3.79 12.98
N GLY B 259 -26.85 -4.90 13.66
CA GLY B 259 -26.40 -4.83 15.05
C GLY B 259 -27.52 -4.92 16.08
N ALA B 260 -28.75 -5.05 15.58
CA ALA B 260 -29.90 -5.28 16.44
C ALA B 260 -29.74 -6.66 17.02
N PRO B 261 -29.70 -6.75 18.36
CA PRO B 261 -29.59 -8.08 18.96
C PRO B 261 -30.87 -8.86 18.70
N ILE B 262 -30.73 -10.12 18.29
CA ILE B 262 -31.86 -10.95 17.95
C ILE B 262 -32.61 -11.37 19.21
N ASP B 263 -31.92 -11.34 20.35
CA ASP B 263 -32.57 -11.64 21.62
C ASP B 263 -33.60 -10.56 21.92
N LEU B 264 -33.45 -9.41 21.28
CA LEU B 264 -34.40 -8.33 21.47
C LEU B 264 -35.39 -8.19 20.31
N THR B 265 -35.14 -8.90 19.22
CA THR B 265 -36.05 -8.89 18.08
C THR B 265 -35.73 -10.03 17.12
N PRO B 266 -36.13 -11.25 17.50
CA PRO B 266 -35.52 -12.49 17.03
C PRO B 266 -36.19 -13.05 15.78
N THR B 267 -36.98 -12.22 15.11
CA THR B 267 -37.71 -12.70 13.96
C THR B 267 -37.58 -11.80 12.72
N ALA B 268 -37.45 -10.50 12.95
CA ALA B 268 -37.10 -9.58 11.89
C ALA B 268 -36.09 -8.54 12.39
N ASP B 269 -35.26 -8.04 11.50
CA ASP B 269 -34.23 -7.06 11.88
C ASP B 269 -34.86 -5.72 12.27
N ASP B 270 -34.23 -5.02 13.22
CA ASP B 270 -34.62 -3.65 13.54
C ASP B 270 -33.45 -2.68 13.47
N PRO B 271 -33.12 -2.22 12.25
CA PRO B 271 -32.15 -1.15 11.98
C PRO B 271 -32.15 -0.04 13.03
N ALA B 272 -33.33 0.44 13.40
CA ALA B 272 -33.45 1.55 14.34
C ALA B 272 -32.92 1.17 15.72
N LEU B 273 -33.28 -0.02 16.18
CA LEU B 273 -32.66 -0.60 17.38
C LEU B 273 -31.14 -0.64 17.21
N GLY B 274 -30.69 -1.22 16.09
CA GLY B 274 -29.29 -1.57 15.90
C GLY B 274 -28.35 -0.38 15.99
N ALA B 275 -28.87 0.80 15.70
CA ALA B 275 -28.04 2.01 15.63
C ALA B 275 -27.99 2.77 16.95
N ASP B 276 -28.63 2.22 17.98
CA ASP B 276 -28.82 2.96 19.22
C ASP B 276 -28.14 2.24 20.38
N ALA B 277 -27.10 2.87 20.92
CA ALA B 277 -26.30 2.26 21.96
C ALA B 277 -27.09 2.12 23.25
N GLN B 278 -28.02 3.05 23.47
CA GLN B 278 -28.81 3.05 24.72
C GLN B 278 -29.64 1.79 24.86
N ARG B 279 -29.83 1.05 23.76
CA ARG B 279 -30.76 -0.09 23.75
C ARG B 279 -30.19 -1.41 23.21
N ASN B 280 -29.21 -1.34 22.31
CA ASN B 280 -28.80 -2.52 21.55
C ASN B 280 -27.91 -3.53 22.30
N ASN B 281 -27.53 -3.19 23.52
CA ASN B 281 -26.85 -4.14 24.40
C ASN B 281 -27.66 -4.42 25.68
N ASN B 282 -28.88 -3.89 25.69
CA ASN B 282 -29.69 -3.85 26.90
C ASN B 282 -30.54 -5.11 27.09
N PHE B 283 -29.87 -6.24 27.28
CA PHE B 283 -30.54 -7.54 27.39
C PHE B 283 -29.61 -8.51 28.13
N THR B 284 -30.11 -9.72 28.42
CA THR B 284 -29.42 -10.66 29.30
C THR B 284 -29.55 -12.11 28.83
N TYR B 285 -30.30 -12.30 27.75
CA TYR B 285 -30.76 -13.61 27.30
C TYR B 285 -31.95 -14.17 28.10
N SER B 286 -32.57 -13.32 28.93
CA SER B 286 -33.65 -13.76 29.82
C SER B 286 -34.96 -13.04 29.51
N HIS B 287 -36.06 -13.77 29.63
CA HIS B 287 -37.37 -13.26 29.26
C HIS B 287 -38.43 -13.74 30.23
N ALA B 288 -39.12 -12.79 30.87
CA ALA B 288 -40.30 -13.10 31.67
C ALA B 288 -41.19 -14.02 30.84
N GLY B 289 -41.11 -15.32 31.13
CA GLY B 289 -42.01 -16.27 30.52
C GLY B 289 -41.34 -17.55 30.05
N PHE B 290 -40.11 -17.44 29.56
CA PHE B 290 -39.46 -18.61 29.00
C PHE B 290 -38.43 -19.20 29.94
N ASP B 291 -38.12 -20.47 29.70
CA ASP B 291 -37.08 -21.19 30.43
C ASP B 291 -35.69 -20.92 29.83
N LEU B 292 -34.97 -19.95 30.38
CA LEU B 292 -33.58 -19.70 29.97
C LEU B 292 -32.83 -21.01 29.64
N GLY B 293 -32.93 -21.99 30.52
CA GLY B 293 -32.24 -23.29 30.33
C GLY B 293 -32.55 -24.01 29.03
N SER B 294 -33.71 -23.77 28.44
CA SER B 294 -34.13 -24.56 27.28
C SER B 294 -34.51 -23.75 26.04
N ASP B 295 -34.93 -22.51 26.24
CA ASP B 295 -35.39 -21.63 25.16
C ASP B 295 -34.30 -21.13 24.23
N GLN B 296 -34.32 -21.62 22.99
CA GLN B 296 -33.51 -21.03 21.93
C GLN B 296 -34.35 -20.28 20.93
N SER B 297 -35.58 -19.94 21.32
CA SER B 297 -36.50 -19.24 20.43
C SER B 297 -36.02 -17.81 20.20
N HIS B 298 -35.27 -17.28 21.15
CA HIS B 298 -34.81 -15.91 21.07
C HIS B 298 -33.41 -15.84 20.45
N CYS B 299 -32.48 -16.62 20.99
CA CYS B 299 -31.10 -16.66 20.53
C CYS B 299 -30.51 -18.03 20.79
N PRO B 300 -30.07 -18.73 19.73
CA PRO B 300 -29.39 -19.99 20.00
C PRO B 300 -28.38 -19.89 21.16
N PHE B 301 -28.04 -21.03 21.75
CA PHE B 301 -27.00 -21.11 22.78
C PHE B 301 -25.62 -21.09 22.12
N SER B 302 -25.62 -21.25 20.80
CA SER B 302 -24.41 -21.47 20.02
C SER B 302 -23.93 -20.18 19.33
N ALA B 303 -24.69 -19.11 19.50
CA ALA B 303 -24.50 -17.89 18.74
C ALA B 303 -23.24 -17.15 19.21
N HIS B 304 -22.55 -16.50 18.27
CA HIS B 304 -21.21 -16.00 18.52
C HIS B 304 -21.14 -15.30 19.87
N ILE B 305 -21.92 -14.24 20.03
CA ILE B 305 -21.82 -13.38 21.18
C ILE B 305 -22.25 -14.04 22.49
N ARG B 306 -23.16 -15.01 22.38
CA ARG B 306 -23.67 -15.67 23.57
C ARG B 306 -22.59 -16.60 24.10
N LYS B 307 -21.81 -17.15 23.18
CA LYS B 307 -20.66 -17.97 23.54
C LYS B 307 -19.55 -17.12 24.14
N THR B 308 -19.46 -15.84 23.78
CA THR B 308 -18.29 -15.06 24.20
C THR B 308 -18.57 -14.19 25.41
N ARG B 309 -19.80 -13.69 25.50
CA ARG B 309 -20.32 -13.10 26.74
C ARG B 309 -21.69 -13.70 27.08
N PRO B 310 -21.69 -14.77 27.91
CA PRO B 310 -22.90 -15.56 28.17
C PRO B 310 -23.95 -14.87 29.02
N ARG B 311 -23.55 -13.85 29.78
CA ARG B 311 -24.51 -13.07 30.55
C ARG B 311 -25.32 -14.00 31.48
N ALA B 312 -26.65 -13.90 31.46
CA ALA B 312 -27.46 -14.67 32.40
C ALA B 312 -27.14 -16.17 32.42
N ASP B 313 -26.71 -16.72 31.30
CA ASP B 313 -26.30 -18.13 31.26
C ASP B 313 -25.18 -18.50 32.22
N LEU B 314 -24.57 -17.50 32.86
CA LEU B 314 -23.60 -17.79 33.94
C LEU B 314 -23.94 -17.22 35.34
N GLY B 315 -25.21 -16.87 35.54
CA GLY B 315 -25.67 -16.37 36.84
C GLY B 315 -25.92 -14.86 36.88
N GLY B 316 -26.27 -14.34 38.05
CA GLY B 316 -26.48 -12.90 38.22
C GLY B 316 -27.80 -12.37 37.69
N SER B 317 -27.90 -11.04 37.57
CA SER B 317 -29.16 -10.37 37.30
C SER B 317 -29.88 -10.83 36.02
N LEU B 318 -31.07 -11.40 36.21
CA LEU B 318 -31.98 -11.67 35.12
C LEU B 318 -32.38 -10.40 34.38
N THR B 319 -32.45 -9.29 35.11
CA THR B 319 -32.61 -7.98 34.48
C THR B 319 -31.26 -7.44 34.05
N PRO B 320 -31.23 -6.79 32.88
CA PRO B 320 -30.08 -5.96 32.51
C PRO B 320 -29.86 -4.85 33.54
N PRO B 321 -28.60 -4.67 33.98
CA PRO B 321 -27.45 -5.31 33.35
C PRO B 321 -26.98 -6.57 34.10
N ASN B 322 -26.81 -7.66 33.37
CA ASN B 322 -26.10 -8.82 33.91
C ASN B 322 -24.61 -8.50 34.12
N LEU B 323 -24.07 -8.92 35.27
CA LEU B 323 -22.68 -8.62 35.62
C LEU B 323 -21.84 -9.89 35.72
N SER B 324 -22.34 -10.95 35.12
CA SER B 324 -21.69 -12.25 35.15
C SER B 324 -20.32 -12.22 34.49
N ALA B 325 -19.37 -12.93 35.09
CA ALA B 325 -18.20 -13.35 34.36
C ALA B 325 -17.41 -12.12 33.93
N GLY B 326 -17.24 -11.16 34.83
CA GLY B 326 -16.57 -9.92 34.46
C GLY B 326 -15.08 -10.18 34.24
N ALA B 327 -14.51 -11.11 35.00
CA ALA B 327 -13.09 -11.37 34.88
C ALA B 327 -12.76 -11.99 33.52
N ASN B 328 -13.77 -12.51 32.84
CA ASN B 328 -13.52 -13.06 31.51
C ASN B 328 -13.85 -12.11 30.36
N SER B 329 -13.76 -10.80 30.60
CA SER B 329 -14.04 -9.83 29.57
C SER B 329 -12.78 -9.57 28.73
N ILE B 330 -12.97 -9.17 27.47
CA ILE B 330 -11.91 -8.58 26.65
C ILE B 330 -12.27 -7.21 26.02
N MET B 331 -11.29 -6.31 25.89
CA MET B 331 -11.45 -5.14 25.07
C MET B 331 -11.07 -5.50 23.64
N ARG B 332 -11.99 -5.24 22.71
CA ARG B 332 -11.76 -5.64 21.32
C ARG B 332 -11.37 -4.46 20.47
N SER B 333 -10.26 -4.60 19.75
CA SER B 333 -9.81 -3.53 18.87
C SER B 333 -9.51 -3.98 17.43
N GLY B 334 -10.23 -5.00 16.97
CA GLY B 334 -9.95 -5.57 15.65
C GLY B 334 -10.31 -4.59 14.53
N ILE B 335 -9.79 -4.86 13.34
CA ILE B 335 -10.15 -4.09 12.16
C ILE B 335 -10.07 -4.99 10.92
N PRO B 336 -11.05 -4.86 10.02
CA PRO B 336 -11.07 -5.61 8.76
C PRO B 336 -9.82 -5.34 7.93
N TYR B 337 -9.43 -6.31 7.11
CA TYR B 337 -8.36 -6.11 6.15
C TYR B 337 -8.75 -6.82 4.85
N GLY B 338 -8.07 -6.49 3.76
CA GLY B 338 -8.33 -7.18 2.48
C GLY B 338 -9.31 -6.40 1.63
N PRO B 339 -9.45 -6.79 0.36
CA PRO B 339 -10.38 -6.08 -0.53
C PRO B 339 -11.81 -6.46 -0.20
N GLU B 340 -12.77 -5.67 -0.66
CA GLU B 340 -14.15 -6.14 -0.77
C GLU B 340 -14.24 -7.35 -1.69
N VAL B 341 -15.26 -8.19 -1.51
CA VAL B 341 -15.55 -9.28 -2.45
C VAL B 341 -15.83 -8.69 -3.86
N THR B 342 -15.26 -9.33 -4.87
CA THR B 342 -15.41 -8.89 -6.27
C THR B 342 -16.43 -9.76 -7.01
N SER B 343 -16.94 -9.24 -8.13
CA SER B 343 -17.99 -9.93 -8.92
C SER B 343 -17.66 -11.36 -9.26
N ALA B 344 -16.42 -11.62 -9.64
CA ALA B 344 -16.02 -12.98 -9.99
C ALA B 344 -16.11 -13.90 -8.78
N GLU B 345 -15.68 -13.41 -7.62
CA GLU B 345 -15.77 -14.17 -6.39
C GLU B 345 -17.22 -14.46 -6.02
N SER B 346 -18.08 -13.44 -6.14
CA SER B 346 -19.50 -13.65 -5.97
C SER B 346 -19.96 -14.79 -6.87
N ALA B 347 -20.12 -14.46 -8.16
CA ALA B 347 -20.68 -15.35 -9.15
C ALA B 347 -20.33 -16.83 -8.93
N SER B 348 -19.13 -17.10 -8.44
CA SER B 348 -18.66 -18.49 -8.31
C SER B 348 -18.66 -18.94 -6.86
N ASN B 349 -19.17 -18.09 -5.98
CA ASN B 349 -19.16 -18.40 -4.55
C ASN B 349 -17.82 -18.93 -4.07
N THR B 350 -16.73 -18.56 -4.75
CA THR B 350 -15.39 -18.92 -4.27
C THR B 350 -14.51 -17.71 -3.97
N THR B 351 -13.79 -17.79 -2.85
CA THR B 351 -12.80 -16.77 -2.46
C THR B 351 -11.51 -16.96 -3.26
N THR B 352 -11.00 -15.87 -3.82
CA THR B 352 -9.69 -15.88 -4.44
C THR B 352 -8.80 -14.84 -3.78
N GLN B 353 -9.40 -13.79 -3.24
CA GLN B 353 -8.61 -12.71 -2.63
C GLN B 353 -8.67 -12.82 -1.10
N GLU B 354 -7.54 -12.77 -0.39
CA GLU B 354 -7.63 -12.92 1.07
C GLU B 354 -8.15 -11.68 1.77
N ARG B 355 -9.24 -11.85 2.49
CA ARG B 355 -9.78 -10.78 3.30
C ARG B 355 -10.11 -11.35 4.71
N GLY B 356 -10.41 -10.50 5.69
CA GLY B 356 -10.67 -11.04 7.01
C GLY B 356 -10.60 -10.03 8.14
N LEU B 357 -10.29 -10.52 9.34
CA LEU B 357 -10.27 -9.65 10.51
C LEU B 357 -8.88 -9.65 11.12
N ALA B 358 -8.31 -8.45 11.26
CA ALA B 358 -7.11 -8.28 12.07
C ALA B 358 -7.58 -8.15 13.51
N PHE B 359 -7.71 -9.29 14.18
CA PHE B 359 -8.36 -9.36 15.49
C PHE B 359 -7.38 -8.94 16.57
N VAL B 360 -7.78 -7.98 17.39
CA VAL B 360 -7.02 -7.57 18.56
C VAL B 360 -7.84 -7.66 19.85
N ALA B 361 -7.33 -8.40 20.84
CA ALA B 361 -7.99 -8.37 22.14
C ALA B 361 -6.99 -7.96 23.22
N TYR B 362 -7.42 -7.04 24.09
CA TYR B 362 -6.69 -6.65 25.29
C TYR B 362 -7.32 -7.22 26.56
N GLN B 363 -6.45 -7.66 27.47
CA GLN B 363 -6.87 -8.21 28.76
C GLN B 363 -5.65 -8.23 29.67
N ALA B 364 -5.89 -8.27 30.98
CA ALA B 364 -4.81 -8.26 31.96
C ALA B 364 -4.27 -9.66 32.20
N GLN B 365 -5.10 -10.67 31.93
CA GLN B 365 -4.66 -12.07 31.98
C GLN B 365 -5.08 -12.81 30.72
N LEU B 366 -4.12 -13.34 29.97
CA LEU B 366 -4.43 -14.02 28.72
C LEU B 366 -5.22 -15.31 28.97
N SER B 367 -4.99 -15.92 30.13
CA SER B 367 -5.69 -17.16 30.49
C SER B 367 -7.17 -16.93 30.85
N GLN B 368 -7.50 -15.67 31.17
CA GLN B 368 -8.88 -15.31 31.48
C GLN B 368 -9.59 -14.75 30.26
N GLY B 369 -8.82 -14.19 29.34
CA GLY B 369 -9.36 -13.34 28.29
C GLY B 369 -9.52 -14.15 27.03
N PHE B 370 -8.69 -13.85 26.03
CA PHE B 370 -8.79 -14.48 24.69
C PHE B 370 -8.67 -16.00 24.72
N HIS B 371 -7.65 -16.50 25.43
CA HIS B 371 -7.39 -17.93 25.48
C HIS B 371 -8.58 -18.68 26.12
N PHE B 372 -9.19 -18.05 27.13
CA PHE B 372 -10.35 -18.61 27.81
C PHE B 372 -11.59 -18.67 26.92
N LEU B 373 -12.02 -17.51 26.44
CA LEU B 373 -13.18 -17.43 25.56
C LEU B 373 -13.10 -18.42 24.39
N GLN B 374 -11.91 -18.53 23.80
CA GLN B 374 -11.71 -19.35 22.62
C GLN B 374 -11.73 -20.86 22.93
N GLN B 375 -10.82 -21.29 23.78
CA GLN B 375 -10.67 -22.70 24.06
C GLN B 375 -11.81 -23.27 24.91
N THR B 376 -12.11 -22.60 26.03
CA THR B 376 -13.02 -23.13 27.03
C THR B 376 -14.49 -22.80 26.73
N TRP B 377 -14.75 -21.68 26.07
CA TRP B 377 -16.11 -21.34 25.69
C TRP B 377 -16.46 -21.71 24.23
N ALA B 378 -15.86 -21.00 23.27
CA ALA B 378 -16.28 -21.12 21.86
C ALA B 378 -16.00 -22.51 21.26
N ASP B 379 -14.86 -23.10 21.60
CA ASP B 379 -14.45 -24.44 21.15
C ASP B 379 -15.15 -25.57 21.92
N ASN B 380 -16.08 -25.21 22.80
CA ASN B 380 -16.64 -26.16 23.76
C ASN B 380 -18.09 -26.52 23.46
N ALA B 381 -18.31 -27.75 23.01
CA ALA B 381 -19.64 -28.14 22.52
C ALA B 381 -20.65 -28.22 23.65
N ASN B 382 -20.14 -28.28 24.88
CA ASN B 382 -21.02 -28.33 26.06
C ASN B 382 -21.21 -27.00 26.79
N PHE B 383 -20.66 -25.92 26.22
CA PHE B 383 -20.91 -24.58 26.74
C PHE B 383 -21.93 -23.80 25.90
N PRO B 384 -22.81 -23.03 26.55
CA PRO B 384 -22.95 -22.79 28.00
C PRO B 384 -23.55 -24.00 28.73
N PRO B 385 -23.19 -24.19 30.01
CA PRO B 385 -23.44 -25.46 30.70
C PRO B 385 -24.93 -25.62 31.06
N GLY B 386 -25.34 -26.84 31.37
CA GLY B 386 -26.69 -27.11 31.89
C GLY B 386 -27.82 -26.53 31.05
N LYS B 387 -27.67 -26.61 29.74
CA LYS B 387 -28.75 -26.26 28.82
C LYS B 387 -29.46 -27.54 28.39
N THR B 388 -30.72 -27.41 27.99
CA THR B 388 -31.39 -28.53 27.31
C THR B 388 -32.01 -28.11 25.97
N PRO B 389 -31.67 -28.88 24.92
CA PRO B 389 -30.79 -30.06 25.02
C PRO B 389 -29.34 -29.71 25.35
N ALA B 390 -28.62 -30.66 25.95
CA ALA B 390 -27.35 -30.34 26.60
C ALA B 390 -26.24 -29.98 25.62
N THR B 391 -26.00 -30.83 24.62
CA THR B 391 -24.92 -30.58 23.66
C THR B 391 -25.24 -29.38 22.76
N VAL B 392 -24.45 -28.31 22.91
CA VAL B 392 -24.75 -27.01 22.32
C VAL B 392 -24.07 -26.87 20.96
N GLY B 393 -22.95 -27.55 20.80
CA GLY B 393 -22.09 -27.37 19.63
C GLY B 393 -21.09 -26.22 19.74
N LEU B 394 -20.18 -26.15 18.78
CA LEU B 394 -19.16 -25.09 18.72
C LEU B 394 -19.73 -23.72 18.26
N ASP B 395 -19.09 -22.64 18.69
CA ASP B 395 -19.24 -21.35 18.02
C ASP B 395 -19.17 -21.51 16.50
N PRO B 396 -20.24 -21.12 15.79
CA PRO B 396 -20.23 -21.31 14.35
C PRO B 396 -19.23 -20.36 13.68
N ILE B 397 -19.15 -19.12 14.17
CA ILE B 397 -18.18 -18.15 13.68
C ILE B 397 -16.74 -18.52 13.96
N ILE B 398 -16.34 -18.54 15.23
CA ILE B 398 -14.95 -18.88 15.54
C ILE B 398 -14.63 -20.30 15.99
N GLY B 399 -15.65 -21.16 16.16
CA GLY B 399 -15.43 -22.51 16.71
C GLY B 399 -14.45 -23.34 15.90
N GLN B 400 -13.47 -23.92 16.59
CA GLN B 400 -12.35 -24.57 15.90
C GLN B 400 -12.35 -26.08 16.08
N ASN B 401 -12.39 -26.79 14.96
CA ASN B 401 -12.61 -28.23 14.97
C ASN B 401 -11.47 -28.94 14.24
N ASN B 402 -10.24 -28.49 14.46
CA ASN B 402 -9.09 -29.03 13.76
C ASN B 402 -9.31 -29.04 12.26
N GLY B 403 -9.84 -27.94 11.73
CA GLY B 403 -9.94 -27.77 10.30
C GLY B 403 -11.28 -28.18 9.72
N GLN B 404 -12.02 -29.03 10.41
CA GLN B 404 -13.20 -29.67 9.83
C GLN B 404 -14.47 -28.89 10.05
N PRO B 405 -15.54 -29.25 9.32
CA PRO B 405 -16.85 -28.70 9.60
C PRO B 405 -17.19 -28.88 11.08
N ARG B 406 -17.83 -27.85 11.63
CA ARG B 406 -18.19 -27.81 13.04
C ARG B 406 -19.64 -28.24 13.15
N VAL B 407 -19.98 -28.97 14.22
CA VAL B 407 -21.38 -29.27 14.52
C VAL B 407 -21.87 -28.26 15.54
N VAL B 408 -22.98 -27.60 15.24
CA VAL B 408 -23.56 -26.62 16.14
C VAL B 408 -25.09 -26.61 16.08
N ASN B 409 -25.72 -26.63 17.26
CA ASN B 409 -27.16 -26.85 17.34
C ASN B 409 -27.86 -25.58 17.76
N GLY B 410 -29.20 -25.60 17.65
CA GLY B 410 -29.98 -24.47 18.13
C GLY B 410 -30.26 -23.43 17.07
N LEU B 411 -29.66 -23.59 15.88
CA LEU B 411 -29.75 -22.51 14.88
C LEU B 411 -31.10 -22.51 14.19
N LEU B 412 -31.58 -23.70 13.84
CA LEU B 412 -32.92 -23.86 13.29
C LEU B 412 -34.00 -23.63 14.35
N PRO B 413 -34.75 -22.52 14.20
CA PRO B 413 -35.59 -21.96 15.26
C PRO B 413 -36.94 -22.66 15.40
N SER B 414 -37.13 -23.74 14.65
CA SER B 414 -38.41 -24.43 14.64
C SER B 414 -38.28 -25.82 15.25
N ASN B 415 -37.10 -26.42 15.07
CA ASN B 415 -36.65 -27.54 15.88
C ASN B 415 -35.24 -27.28 16.41
N SER B 416 -35.11 -27.09 17.72
CA SER B 416 -33.86 -26.61 18.27
C SER B 416 -33.00 -27.77 18.81
N SER B 417 -33.31 -28.97 18.36
CA SER B 417 -32.36 -30.08 18.35
C SER B 417 -31.88 -30.38 16.92
N ALA B 418 -32.31 -29.56 15.97
CA ALA B 418 -31.71 -29.62 14.63
C ALA B 418 -30.22 -29.22 14.66
N SER B 419 -29.37 -30.15 14.22
CA SER B 419 -27.93 -29.93 14.03
C SER B 419 -27.61 -29.51 12.59
N LEU B 420 -26.68 -28.57 12.44
CA LEU B 420 -25.93 -28.38 11.19
C LEU B 420 -24.44 -28.63 11.35
N SER B 421 -23.84 -29.29 10.35
CA SER B 421 -22.39 -29.39 10.24
C SER B 421 -21.84 -28.27 9.35
N ILE B 422 -21.26 -27.25 9.96
CA ILE B 422 -20.91 -26.05 9.23
C ILE B 422 -19.42 -26.00 8.96
N PRO B 423 -19.04 -25.76 7.68
CA PRO B 423 -17.64 -25.57 7.28
C PRO B 423 -17.05 -24.37 8.00
N GLN B 424 -15.74 -24.38 8.25
CA GLN B 424 -15.08 -23.16 8.72
C GLN B 424 -15.22 -22.02 7.72
N PHE B 425 -15.60 -20.85 8.21
CA PHE B 425 -15.61 -19.67 7.35
C PHE B 425 -14.62 -18.62 7.86
N VAL B 426 -13.86 -19.02 8.87
CA VAL B 426 -12.84 -18.18 9.44
C VAL B 426 -11.62 -19.04 9.57
N VAL B 427 -10.56 -18.65 8.87
CA VAL B 427 -9.34 -19.42 8.87
C VAL B 427 -8.23 -18.58 9.47
N SER B 428 -7.51 -19.17 10.41
CA SER B 428 -6.55 -18.44 11.19
C SER B 428 -5.20 -18.56 10.54
N HIS B 429 -4.55 -17.43 10.26
CA HIS B 429 -3.16 -17.49 9.83
C HIS B 429 -2.18 -17.22 10.94
N GLY B 430 -2.65 -17.36 12.17
CA GLY B 430 -1.74 -17.40 13.32
C GLY B 430 -1.67 -16.00 13.89
N GLY B 431 -0.87 -15.84 14.93
CA GLY B 431 -0.73 -14.54 15.57
C GLY B 431 0.33 -14.64 16.64
N GLU B 432 0.31 -13.67 17.55
CA GLU B 432 1.26 -13.64 18.64
C GLU B 432 0.66 -12.89 19.83
N TYR B 433 1.23 -13.13 21.01
CA TYR B 433 0.82 -12.49 22.23
C TYR B 433 1.82 -11.39 22.50
N PHE B 434 1.32 -10.19 22.79
CA PHE B 434 2.23 -9.10 23.11
C PHE B 434 1.91 -8.50 24.43
N PHE B 435 2.85 -7.69 24.93
CA PHE B 435 2.54 -6.81 26.02
C PHE B 435 2.68 -5.38 25.62
N SER B 436 1.61 -4.65 25.82
CA SER B 436 1.57 -3.27 25.45
C SER B 436 1.80 -2.47 26.72
N PRO B 437 3.04 -2.02 26.94
CA PRO B 437 3.44 -1.43 28.22
C PRO B 437 2.84 -0.03 28.40
N PRO B 438 2.82 0.46 29.64
CA PRO B 438 2.49 1.89 29.82
C PRO B 438 3.52 2.81 29.17
N ILE B 439 3.11 4.03 28.86
CA ILE B 439 3.95 4.93 28.11
C ILE B 439 5.21 5.31 28.84
N SER B 440 5.11 5.42 30.17
CA SER B 440 6.28 5.71 30.98
C SER B 440 7.33 4.60 30.85
N ALA B 441 6.91 3.37 30.62
CA ALA B 441 7.91 2.31 30.49
C ALA B 441 8.78 2.44 29.23
N ILE B 442 8.20 3.06 28.20
CA ILE B 442 8.79 3.00 26.88
C ILE B 442 10.09 3.81 26.85
N GLY B 443 10.02 5.05 27.30
CA GLY B 443 11.25 5.78 27.51
C GLY B 443 11.86 5.45 28.85
N GLY B 444 11.27 4.48 29.55
CA GLY B 444 11.67 4.22 30.94
C GLY B 444 12.46 2.92 31.03
N ARG B 445 11.90 1.94 31.72
CA ARG B 445 12.59 0.65 31.89
C ARG B 445 13.01 0.03 30.55
N LEU B 446 12.14 0.09 29.54
CA LEU B 446 12.43 -0.63 28.31
C LEU B 446 13.59 -0.02 27.51
N SER B 447 13.97 1.20 27.88
CA SER B 447 15.08 1.88 27.25
C SER B 447 16.33 1.85 28.12
N ALA B 448 16.18 1.46 29.39
CA ALA B 448 17.31 1.54 30.32
C ALA B 448 18.35 0.50 29.97
C1 NAG C . 10.14 33.33 -27.84
C2 NAG C . 9.16 34.46 -27.57
C3 NAG C . 9.31 35.56 -28.64
C4 NAG C . 10.78 35.95 -28.80
C5 NAG C . 11.66 34.73 -28.90
C6 NAG C . 13.13 35.13 -28.94
C7 NAG C . 7.11 34.27 -26.32
C8 NAG C . 5.69 33.77 -26.26
N2 NAG C . 7.79 33.99 -27.43
O3 NAG C . 8.60 36.71 -28.23
O4 NAG C . 10.96 36.63 -30.02
O5 NAG C . 11.44 33.87 -27.81
O6 NAG C . 13.83 33.97 -29.32
O7 NAG C . 7.60 34.89 -25.36
C1 NAG C . 11.52 37.92 -29.74
C2 NAG C . 11.88 38.54 -31.07
C3 NAG C . 12.18 40.03 -30.94
C4 NAG C . 11.04 40.68 -30.17
C5 NAG C . 10.93 40.02 -28.80
C6 NAG C . 9.84 40.66 -27.96
C7 NAG C . 12.93 36.98 -32.60
C8 NAG C . 14.22 36.33 -33.05
N2 NAG C . 13.03 37.85 -31.61
O3 NAG C . 12.29 40.63 -32.23
O4 NAG C . 11.29 42.05 -30.02
O5 NAG C . 10.58 38.67 -28.99
O6 NAG C . 10.25 40.70 -26.61
O7 NAG C . 11.87 36.70 -33.17
C1 BMA C . 10.07 42.68 -29.57
C2 BMA C . 10.31 44.17 -29.30
C3 BMA C . 10.55 44.93 -30.60
C4 BMA C . 10.04 44.13 -31.80
C5 BMA C . 8.77 43.37 -31.48
C6 BMA C . 8.25 42.59 -32.69
O2 BMA C . 11.43 44.29 -28.45
O3 BMA C . 11.94 45.17 -30.76
O4 BMA C . 9.78 45.04 -32.86
O5 BMA C . 8.95 42.44 -30.41
O6 BMA C . 7.67 43.45 -33.67
C1 NAG D . -33.27 -1.43 29.29
C2 NAG D . -34.29 -0.35 28.92
C3 NAG D . -35.29 -0.11 30.04
C4 NAG D . -35.87 -1.43 30.57
C5 NAG D . -34.78 -2.48 30.75
C6 NAG D . -35.41 -3.85 31.04
C7 NAG D . -33.85 1.48 27.38
C8 NAG D . -33.15 2.79 27.13
N2 NAG D . -33.63 0.90 28.56
O3 NAG D . -36.33 0.69 29.55
O4 NAG D . -36.54 -1.20 31.79
O5 NAG D . -34.01 -2.60 29.57
O6 NAG D . -35.15 -4.68 29.93
O7 NAG D . -34.59 0.99 26.53
C1 NAG D . -37.95 -1.43 31.58
C2 NAG D . -38.68 -1.74 32.89
C3 NAG D . -39.93 -0.88 33.13
C4 NAG D . -40.73 -0.53 31.89
C5 NAG D . -39.93 -0.82 30.61
C6 NAG D . -40.48 -0.07 29.41
C7 NAG D . -38.27 -4.07 33.49
C8 NAG D . -38.76 -5.49 33.38
N2 NAG D . -39.03 -3.15 32.88
O3 NAG D . -39.58 0.32 33.79
O4 NAG D . -41.94 -1.25 31.87
O5 NAG D . -38.61 -0.42 30.85
O6 NAG D . -40.04 1.26 29.45
O7 NAG D . -37.24 -3.81 34.10
CHA HEM E . 13.75 16.42 -18.91
CHB HEM E . 14.64 14.66 -14.46
CHC HEM E . 15.76 10.36 -16.40
CHD HEM E . 15.17 12.13 -20.87
C1A HEM E . 13.89 16.32 -17.54
C2A HEM E . 13.70 17.41 -16.58
C3A HEM E . 13.91 16.90 -15.35
C4A HEM E . 14.26 15.49 -15.50
CMA HEM E . 13.82 17.67 -14.01
CAA HEM E . 13.19 18.84 -16.89
CBA HEM E . 11.67 18.77 -17.07
CGA HEM E . 11.27 19.04 -18.50
O1A HEM E . 12.09 19.62 -19.27
O2A HEM E . 10.12 18.68 -18.87
C1B HEM E . 15.03 13.33 -14.58
C2B HEM E . 15.44 12.44 -13.51
C3B HEM E . 15.69 11.21 -14.03
C4B HEM E . 15.54 11.34 -15.48
CMB HEM E . 15.48 12.90 -12.03
CAB HEM E . 16.24 9.94 -13.34
CBB HEM E . 15.87 9.55 -12.10
C1C HEM E . 15.74 10.47 -17.80
C2C HEM E . 16.15 9.44 -18.75
C3C HEM E . 16.07 9.96 -20.00
C4C HEM E . 15.49 11.28 -19.86
CMC HEM E . 16.65 8.03 -18.37
CAC HEM E . 16.27 9.24 -21.35
CBC HEM E . 17.37 8.50 -21.64
C1D HEM E . 14.59 13.39 -20.73
C2D HEM E . 14.20 14.22 -21.85
C3D HEM E . 13.81 15.57 -21.26
C4D HEM E . 14.05 15.45 -19.84
CMD HEM E . 14.14 13.85 -23.33
CAD HEM E . 13.23 16.76 -22.03
CBD HEM E . 14.39 17.62 -22.53
CGD HEM E . 13.85 18.64 -23.50
O1D HEM E . 14.46 19.73 -23.60
O2D HEM E . 12.85 18.32 -24.21
NA HEM E . 14.31 15.20 -16.87
NB HEM E . 15.20 12.66 -15.76
NC HEM E . 15.49 11.62 -18.51
ND HEM E . 14.58 14.18 -19.60
FE HEM E . 14.95 13.44 -17.70
C1 NAG F . 25.64 16.31 6.13
C2 NAG F . 26.48 16.22 7.40
C3 NAG F . 26.60 17.60 8.03
C4 NAG F . 27.09 18.61 7.01
C5 NAG F . 26.23 18.57 5.74
C6 NAG F . 26.78 19.55 4.71
C7 NAG F . 26.41 14.37 8.95
C8 NAG F . 25.60 13.56 9.94
N2 NAG F . 25.78 15.36 8.33
O3 NAG F . 27.44 17.60 9.16
O4 NAG F . 26.94 19.89 7.60
O5 NAG F . 26.17 17.26 5.22
O6 NAG F . 27.98 19.08 4.17
O7 NAG F . 27.59 14.11 8.70
C1 NAG G . 40.25 25.74 -15.36
C2 NAG G . 41.53 26.31 -14.76
C3 NAG G . 42.80 25.61 -15.28
C4 NAG G . 42.64 24.12 -15.10
C5 NAG G . 41.33 23.67 -15.75
C6 NAG G . 41.16 22.16 -15.62
C7 NAG G . 41.25 28.50 -13.86
C8 NAG G . 41.26 29.99 -14.05
N2 NAG G . 41.56 27.75 -14.91
O3 NAG G . 43.89 25.96 -14.48
O4 NAG G . 43.74 23.47 -15.69
O5 NAG G . 40.23 24.36 -15.14
O6 NAG G . 41.09 21.85 -14.25
O7 NAG G . 40.96 28.00 -12.76
C1 GOL H . -9.68 10.49 -33.50
O1 GOL H . -10.52 9.41 -33.16
C2 GOL H . -10.25 11.78 -32.92
O2 GOL H . -9.21 12.48 -32.26
C3 GOL H . -10.81 12.66 -34.03
O3 GOL H . -11.99 12.08 -34.53
C1 GOL I . 7.71 12.94 -17.06
O1 GOL I . 8.35 12.21 -16.04
C2 GOL I . 6.30 13.34 -16.62
O2 GOL I . 5.80 14.34 -17.50
C3 GOL I . 5.39 12.12 -16.65
O3 GOL I . 4.03 12.50 -16.67
C1 GOL J . 2.52 12.50 -20.57
O1 GOL J . 2.53 11.19 -20.05
C2 GOL J . 2.95 12.42 -22.03
O2 GOL J . 2.44 11.24 -22.62
C3 GOL J . 2.45 13.67 -22.76
O3 GOL J . 1.63 14.40 -21.89
C ACT K . 25.37 35.47 -18.75
O ACT K . 26.47 35.32 -19.32
OXT ACT K . 25.22 34.88 -17.66
CH3 ACT K . 24.28 36.33 -19.35
CHA HEM L . -18.87 -9.70 19.32
CHB HEM L . -17.66 -10.97 14.76
CHC HEM L . -13.65 -13.25 16.19
CHD HEM L . -14.97 -12.29 20.79
C1A HEM L . -18.85 -9.85 17.96
C2A HEM L . -19.80 -9.25 17.05
C3A HEM L . -19.48 -9.62 15.81
C4A HEM L . -18.26 -10.41 15.87
CMA HEM L . -20.27 -9.21 14.56
CAA HEM L . -21.06 -8.40 17.40
CBA HEM L . -20.73 -6.93 17.45
CGA HEM L . -20.57 -6.61 18.91
O1A HEM L . -21.19 -7.35 19.72
O2A HEM L . -19.88 -5.60 19.28
C1B HEM L . -16.50 -11.70 14.72
C2B HEM L . -15.82 -12.20 13.53
C3B HEM L . -14.68 -12.77 13.93
C4B HEM L . -14.63 -12.72 15.37
CMB HEM L . -16.28 -12.03 12.06
CAB HEM L . -13.64 -13.46 13.03
CBB HEM L . -13.33 -12.95 11.83
C1C HEM L . -13.71 -13.22 17.57
C2C HEM L . -12.78 -13.88 18.45
C3C HEM L . -13.16 -13.64 19.71
C4C HEM L . -14.35 -12.81 19.68
CMC HEM L . -11.59 -14.76 17.96
CAC HEM L . -12.50 -14.16 21.01
CBC HEM L . -12.21 -15.45 21.18
C1D HEM L . -16.07 -11.46 20.84
C2D HEM L . -16.71 -10.88 22.04
C3D HEM L . -17.95 -10.17 21.56
C4D HEM L . -17.92 -10.30 20.13
CMD HEM L . -16.30 -10.93 23.54
CAD HEM L . -18.93 -9.33 22.40
CBD HEM L . -19.84 -10.27 23.20
CGD HEM L . -20.77 -9.41 24.01
O1D HEM L . -22.01 -9.61 23.90
O2D HEM L . -20.28 -8.50 24.73
NA HEM L . -17.91 -10.57 17.22
NB HEM L . -15.77 -12.07 15.82
NC HEM L . -14.70 -12.62 18.34
ND HEM L . -16.85 -11.12 19.74
FE HEM L . -16.32 -11.62 17.79
C1 NAG M . -23.28 -19.93 -6.44
C2 NAG M . -23.73 -20.43 -7.82
C3 NAG M . -25.01 -19.82 -8.41
C4 NAG M . -25.90 -19.14 -7.39
C5 NAG M . -25.05 -18.44 -6.33
C6 NAG M . -25.90 -17.64 -5.34
C7 NAG M . -21.87 -21.25 -9.17
C8 NAG M . -20.89 -20.95 -10.27
N2 NAG M . -22.71 -20.27 -8.83
O3 NAG M . -25.73 -20.84 -9.04
O4 NAG M . -26.72 -18.20 -8.06
O5 NAG M . -24.35 -19.47 -5.65
O6 NAG M . -26.98 -18.43 -4.92
O7 NAG M . -21.85 -22.33 -8.60
C1 GOL N . -14.23 -2.18 17.62
O1 GOL N . -14.59 -3.38 18.27
C2 GOL N . -13.72 -2.51 16.23
O2 GOL N . -12.32 -2.37 16.20
C3 GOL N . -14.16 -3.91 15.82
O3 GOL N . -13.27 -4.89 16.30
C TAM O . -18.07 -32.97 17.69
C1 TAM O . -16.96 -34.01 17.78
C2 TAM O . -19.30 -33.48 18.45
C3 TAM O . -17.61 -31.62 18.25
C4 TAM O . -16.93 -34.89 16.53
C5 TAM O . -19.24 -33.08 19.93
C6 TAM O . -18.38 -30.46 17.64
N TAM O . -18.46 -32.80 16.29
O4 TAM O . -15.81 -34.55 15.71
O5 TAM O . -18.39 -34.00 20.63
O6 TAM O . -17.94 -30.19 16.30
C1 GOL P . 22.34 -8.90 20.18
O1 GOL P . 22.64 -8.16 19.03
C2 GOL P . 21.17 -9.84 19.91
O2 GOL P . 20.54 -10.16 21.14
C3 GOL P . 20.16 -9.19 18.98
O3 GOL P . 18.93 -9.02 19.63
C1 GOL Q . -2.78 -10.30 2.50
O1 GOL Q . -2.23 -10.46 3.79
C2 GOL Q . -3.24 -8.86 2.33
O2 GOL Q . -4.53 -8.81 1.75
C3 GOL Q . -3.27 -8.20 3.71
O3 GOL Q . -4.14 -7.09 3.72
#